data_9FRX
#
_entry.id   9FRX
#
_cell.length_a   1.00
_cell.length_b   1.00
_cell.length_c   1.00
_cell.angle_alpha   90.00
_cell.angle_beta   90.00
_cell.angle_gamma   90.00
#
_symmetry.space_group_name_H-M   'P 1'
#
_entity_poly.entity_id   1
_entity_poly.type   'polypeptide(L)'
_entity_poly.pdbx_seq_one_letter_code
;MPRKWALLLPMLLCSLTGPTHMFQSSLVLDTAKILLDNYCFPENLMGMQEAIEQATKSPEILAITDPQTLAHVLTAGVQN
SLNDPRLIISYEPSTLEVTPKAPALRNLTLEELIEGLHNSLRHEVLEGNVGYLRVDDIPGQEVMNKLGSFLVVNVWEKLM
GTSALVLDLRHCTRGHVSGIPYVISYLHPGNTVLHVDTVYDRPSNTTTEIWTLPEVLGDRYSADKDVVVLTSSHTGGVAE
DIAYILKQMRRAIVVGERTVGGALDLQKLRIGQSDFFLTVPVSRSLGPLGEGSQTWEGSGVLPCVGTPAEQALEKALAIL
KLRRALPGVIQRLQEVLQEYYTLVDRVPALLHHLASMDLSSVVSEEDLVTKLNAGLQAVSEDPRLLVQVVKSKEPSSEPK
DEAEEPPEVIPEVPEDEAARRALVDAVFQVSVLPGNVGYLRFDSFADASVLGVLAPYIVHQVWEPLQDTEHLIMDLRQNP
GGPSTAVPLLLSYFQGPDPGPVRLFTTYDRRTNVTQEHYSHTELLGQRYSTQGGVYLLISHRTATAAEELAFLMQSLGWA
TLVGEITAGSLLHTHTVPLLETTEGGLSLTVPVLTFIDNHGECWLGGGVVPDAIVLAEEALDRAQEVLEFHRSLGELVEG
TGHLLEAHYARPEVVGQTGALLRAKLAQGAYRTAVDLESLASQLTADLQEMSGDHRLLVFHSPGEMVAEEVPPPPPVVPS
PEELSYLIEALFKTEVLPGRLGYLRFDAMAELETVKAIGPQLVQLVWQKLIDTAALVVDLRYNPGSYSTAVPLLCSYFFE
AEPRQHLYSVFDRATSRVMEVWTVPQVAGQRYGPQKDLYILVSHTSGSAAEAFAHTMQDLQRATIIGEPTAGGALSVGIY
QVGSSPLYASMPTQMALSASTGEAWDLAGVEPDITVPMSVALSTARDIVALRAKVPTVLQTAGKLVADNYASPEMGAKIA
VKLSRLQSRYARVTSEASLAEMLEADLQLLSGDPHLKTAHIPEDAKDRIPGIVPMQIPSPEVFEDLIKFSFHTNVLEGNI
GYLRFDMFGDRELLTQVSELLVEHVWKKIIHTDALIIDMRFNIGGPTSSISALCSYFFDEGPPILLDKIYNRPNDSVSEL
WTHTHLTGGSYGSKKSIIILTSSLTAGAAEEFTYIMKRLGRALVIGEVTSGGSQPPQTYHVDDTNLYITIPTARSVGAAD
GSSWEGVGVVPDVAVPAEGALARAQEMLQHTLLRARRSLQDHKPTLFKQESPDRRQAFTPAPFLLAKSK
;
_entity_poly.pdbx_strand_id   A
#
# COMPACT_ATOMS: atom_id res chain seq x y z
N ALA A 32 -32.56 45.30 -44.24
CA ALA A 32 -31.99 44.06 -43.73
C ALA A 32 -32.15 42.93 -44.75
N LYS A 33 -32.16 43.28 -46.03
CA LYS A 33 -32.30 42.27 -47.07
C LYS A 33 -31.03 41.45 -47.26
N ILE A 34 -29.87 42.04 -46.97
CA ILE A 34 -28.61 41.32 -47.13
C ILE A 34 -28.51 40.20 -46.09
N LEU A 35 -29.03 40.44 -44.88
CA LEU A 35 -28.85 39.51 -43.78
C LEU A 35 -29.49 38.15 -44.03
N LEU A 36 -30.49 38.06 -44.89
CA LEU A 36 -31.21 36.80 -45.06
C LEU A 36 -30.36 35.74 -45.73
N ASP A 37 -29.48 36.14 -46.66
CA ASP A 37 -28.74 35.18 -47.48
C ASP A 37 -27.33 34.92 -46.97
N ASN A 38 -26.63 35.94 -46.49
CA ASN A 38 -25.23 35.77 -46.10
C ASN A 38 -25.09 34.85 -44.89
N TYR A 39 -25.85 35.12 -43.83
CA TYR A 39 -25.73 34.41 -42.57
C TYR A 39 -26.89 33.42 -42.47
N CYS A 40 -26.58 32.12 -42.55
CA CYS A 40 -27.60 31.08 -42.55
C CYS A 40 -27.19 29.89 -41.70
N PHE A 41 -26.47 30.12 -40.62
CA PHE A 41 -25.99 29.02 -39.78
C PHE A 41 -27.10 28.53 -38.86
N PRO A 42 -27.46 27.24 -38.90
CA PRO A 42 -28.57 26.76 -38.07
C PRO A 42 -28.26 26.70 -36.59
N GLU A 43 -26.99 26.83 -36.18
CA GLU A 43 -26.66 26.73 -34.76
C GLU A 43 -27.32 27.82 -33.94
N ASN A 44 -27.55 29.00 -34.54
CA ASN A 44 -28.22 30.08 -33.86
C ASN A 44 -29.42 30.63 -34.60
N LEU A 45 -29.72 30.12 -35.80
CA LEU A 45 -30.83 30.63 -36.60
C LEU A 45 -31.94 29.61 -36.76
N MET A 46 -31.65 28.44 -37.32
CA MET A 46 -32.68 27.48 -37.75
C MET A 46 -33.76 28.17 -38.59
N GLY A 47 -33.37 29.21 -39.33
CA GLY A 47 -34.31 29.98 -40.11
C GLY A 47 -35.10 31.02 -39.34
N MET A 48 -34.58 31.46 -38.19
CA MET A 48 -35.32 32.47 -37.42
C MET A 48 -35.34 33.81 -38.14
N GLN A 49 -34.27 34.16 -38.86
CA GLN A 49 -34.22 35.42 -39.58
C GLN A 49 -35.15 35.45 -40.78
N GLU A 50 -35.75 34.31 -41.14
CA GLU A 50 -36.76 34.30 -42.20
C GLU A 50 -37.95 35.18 -41.81
N ALA A 51 -38.33 35.15 -40.53
CA ALA A 51 -39.33 36.10 -40.03
C ALA A 51 -38.80 37.53 -40.14
N ILE A 52 -37.52 37.73 -39.81
CA ILE A 52 -36.89 39.02 -40.04
C ILE A 52 -36.81 39.30 -41.54
N GLU A 53 -36.58 38.26 -42.34
CA GLU A 53 -36.58 38.42 -43.79
C GLU A 53 -37.92 38.89 -44.31
N GLN A 54 -39.01 38.57 -43.61
CA GLN A 54 -40.33 39.01 -44.03
C GLN A 54 -40.45 40.53 -44.04
N ALA A 55 -39.61 41.23 -43.28
CA ALA A 55 -39.55 42.69 -43.41
C ALA A 55 -39.07 43.10 -44.80
N THR A 56 -38.08 42.38 -45.33
CA THR A 56 -37.59 42.55 -46.70
C THR A 56 -37.12 43.99 -46.86
N LYS A 57 -37.82 44.84 -47.62
CA LYS A 57 -37.40 46.22 -47.81
C LYS A 57 -37.44 46.99 -46.49
N SER A 58 -38.64 47.15 -45.95
CA SER A 58 -38.87 47.90 -44.71
C SER A 58 -38.13 49.25 -44.70
N PRO A 59 -38.41 50.13 -45.68
CA PRO A 59 -37.69 51.40 -45.74
C PRO A 59 -38.27 52.50 -44.88
N GLU A 60 -39.48 52.34 -44.36
CA GLU A 60 -40.17 53.34 -43.56
C GLU A 60 -40.75 52.72 -42.30
N ILE A 61 -39.92 51.97 -41.58
CA ILE A 61 -40.34 51.32 -40.34
C ILE A 61 -39.77 52.11 -39.17
N LEU A 62 -39.57 53.41 -39.38
CA LEU A 62 -39.11 54.29 -38.31
C LEU A 62 -40.07 54.31 -37.14
N ALA A 63 -41.34 53.93 -37.35
CA ALA A 63 -42.28 53.82 -36.25
C ALA A 63 -41.81 52.81 -35.21
N ILE A 64 -41.04 51.81 -35.64
CA ILE A 64 -40.43 50.88 -34.67
C ILE A 64 -39.47 51.64 -33.77
N THR A 65 -38.58 52.44 -34.36
CA THR A 65 -37.64 53.27 -33.63
C THR A 65 -36.99 54.24 -34.62
N ASP A 66 -36.53 55.38 -34.11
CA ASP A 66 -36.05 56.46 -34.97
C ASP A 66 -34.73 56.08 -35.66
N PRO A 67 -34.38 56.78 -36.77
CA PRO A 67 -33.29 56.32 -37.65
C PRO A 67 -31.96 55.95 -37.00
N GLN A 68 -31.39 56.81 -36.14
CA GLN A 68 -30.04 56.59 -35.66
C GLN A 68 -29.91 55.26 -34.92
N THR A 69 -30.76 55.03 -33.93
CA THR A 69 -30.90 53.71 -33.32
C THR A 69 -31.92 52.90 -34.12
N LEU A 70 -32.42 51.82 -33.54
CA LEU A 70 -33.14 50.74 -34.23
C LEU A 70 -32.10 49.86 -34.92
N ALA A 71 -30.84 50.32 -34.91
CA ALA A 71 -29.72 49.42 -35.08
C ALA A 71 -29.02 49.22 -33.75
N HIS A 72 -28.99 50.25 -32.91
CA HIS A 72 -28.59 50.09 -31.52
C HIS A 72 -29.66 49.33 -30.74
N VAL A 73 -30.93 49.53 -31.10
CA VAL A 73 -32.00 48.70 -30.53
C VAL A 73 -31.81 47.25 -30.96
N LEU A 74 -31.51 47.02 -32.24
CA LEU A 74 -31.18 45.67 -32.70
C LEU A 74 -29.88 45.18 -32.07
N THR A 75 -28.98 46.10 -31.73
CA THR A 75 -27.78 45.71 -30.99
C THR A 75 -28.16 45.12 -29.63
N ALA A 76 -29.15 45.70 -28.97
CA ALA A 76 -29.72 45.14 -27.77
C ALA A 76 -30.93 44.25 -28.05
N GLY A 77 -31.26 44.04 -29.32
CA GLY A 77 -32.41 43.25 -29.70
C GLY A 77 -32.06 41.89 -30.27
N VAL A 78 -32.06 41.79 -31.60
CA VAL A 78 -31.80 40.50 -32.25
C VAL A 78 -30.42 39.97 -31.88
N GLN A 79 -29.42 40.85 -31.81
CA GLN A 79 -28.07 40.42 -31.44
C GLN A 79 -28.07 39.77 -30.06
N ASN A 80 -28.88 40.29 -29.13
CA ASN A 80 -29.03 39.63 -27.84
C ASN A 80 -29.65 38.25 -28.00
N SER A 81 -30.65 38.13 -28.89
CA SER A 81 -31.26 36.83 -29.13
C SER A 81 -30.34 35.93 -29.97
N LEU A 82 -29.50 36.52 -30.81
CA LEU A 82 -28.60 35.73 -31.64
C LEU A 82 -27.55 35.01 -30.80
N ASN A 83 -27.08 35.66 -29.72
CA ASN A 83 -25.97 35.14 -28.92
C ASN A 83 -24.74 34.89 -29.79
N ASP A 84 -24.51 35.79 -30.73
CA ASP A 84 -23.42 35.74 -31.69
C ASP A 84 -22.24 36.58 -31.21
N PRO A 85 -21.02 36.31 -31.72
CA PRO A 85 -19.88 37.15 -31.32
C PRO A 85 -19.95 38.53 -31.94
N ARG A 86 -20.78 39.39 -31.36
CA ARG A 86 -20.94 40.79 -31.73
C ARG A 86 -21.63 40.98 -33.07
N LEU A 87 -22.45 42.01 -33.18
CA LEU A 87 -23.09 42.41 -34.42
C LEU A 87 -23.11 43.92 -34.50
N ILE A 88 -22.78 44.46 -35.67
CA ILE A 88 -22.65 45.90 -35.87
C ILE A 88 -23.54 46.32 -37.03
N ILE A 89 -24.50 47.21 -36.76
CA ILE A 89 -25.32 47.83 -37.78
C ILE A 89 -25.36 49.33 -37.48
N SER A 90 -25.19 50.15 -38.51
CA SER A 90 -25.15 51.59 -38.36
C SER A 90 -26.23 52.24 -39.21
N TYR A 91 -26.46 53.52 -38.96
CA TYR A 91 -27.43 54.30 -39.72
C TYR A 91 -26.74 55.35 -40.57
N LEU A 110 6.47 46.68 -57.56
CA LEU A 110 6.72 45.69 -56.51
C LEU A 110 7.05 46.39 -55.19
N GLU A 111 7.69 47.56 -55.29
CA GLU A 111 8.03 48.33 -54.10
C GLU A 111 6.83 49.00 -53.46
N GLU A 112 5.73 49.16 -54.21
CA GLU A 112 4.53 49.77 -53.64
C GLU A 112 3.98 48.93 -52.50
N LEU A 113 3.94 47.61 -52.69
CA LEU A 113 3.49 46.72 -51.62
C LEU A 113 4.48 46.71 -50.45
N ILE A 114 5.78 46.85 -50.74
CA ILE A 114 6.76 46.95 -49.67
C ILE A 114 6.54 48.20 -48.83
N GLU A 115 6.28 49.33 -49.50
CA GLU A 115 6.12 50.59 -48.78
C GLU A 115 4.94 50.54 -47.82
N GLY A 116 3.81 50.00 -48.27
CA GLY A 116 2.65 49.90 -47.40
C GLY A 116 2.86 48.95 -46.23
N LEU A 117 3.51 47.81 -46.49
CA LEU A 117 3.70 46.82 -45.44
C LEU A 117 4.81 47.23 -44.48
N HIS A 118 5.82 47.95 -44.97
CA HIS A 118 6.96 48.31 -44.13
C HIS A 118 6.54 49.16 -42.94
N ASN A 119 5.59 50.07 -43.15
CA ASN A 119 5.10 50.89 -42.05
C ASN A 119 4.38 50.08 -40.99
N SER A 120 3.97 48.86 -41.30
CA SER A 120 3.20 48.04 -40.37
C SER A 120 4.06 47.24 -39.41
N LEU A 121 5.38 47.18 -39.62
CA LEU A 121 6.25 46.41 -38.74
C LEU A 121 7.50 47.22 -38.39
N ARG A 122 8.06 46.90 -37.23
CA ARG A 122 9.36 47.43 -36.82
C ARG A 122 10.08 46.32 -36.05
N HIS A 123 11.20 45.86 -36.59
CA HIS A 123 11.96 44.76 -36.00
C HIS A 123 13.35 45.24 -35.60
N GLU A 124 13.76 44.90 -34.38
CA GLU A 124 15.06 45.28 -33.87
C GLU A 124 15.43 44.34 -32.75
N VAL A 125 16.73 44.31 -32.42
CA VAL A 125 17.25 43.47 -31.35
C VAL A 125 17.22 44.30 -30.06
N LEU A 126 16.35 43.92 -29.14
CA LEU A 126 16.19 44.62 -27.87
C LEU A 126 17.18 44.03 -26.85
N GLU A 127 17.26 44.66 -25.68
CA GLU A 127 18.14 44.15 -24.63
C GLU A 127 17.70 42.75 -24.21
N GLY A 128 18.66 41.98 -23.70
CA GLY A 128 18.39 40.58 -23.43
C GLY A 128 18.30 39.73 -24.67
N ASN A 129 18.73 40.26 -25.81
CA ASN A 129 18.70 39.56 -27.10
C ASN A 129 17.27 39.16 -27.46
N VAL A 130 16.41 40.18 -27.56
CA VAL A 130 14.97 40.00 -27.73
C VAL A 130 14.54 40.69 -29.01
N GLY A 131 13.70 40.01 -29.80
CA GLY A 131 13.19 40.56 -31.04
C GLY A 131 11.73 40.97 -30.89
N TYR A 132 11.38 42.10 -31.51
CA TYR A 132 10.04 42.66 -31.47
C TYR A 132 9.44 42.65 -32.86
N LEU A 133 8.18 42.22 -32.96
CA LEU A 133 7.48 42.14 -34.23
C LEU A 133 6.12 42.84 -34.12
N ARG A 134 5.77 43.57 -35.17
CA ARG A 134 4.50 44.29 -35.27
C ARG A 134 3.86 44.00 -36.61
N VAL A 135 2.54 44.15 -36.67
CA VAL A 135 1.80 43.93 -37.91
C VAL A 135 0.44 44.61 -37.78
N ASP A 136 0.01 45.23 -38.87
CA ASP A 136 -1.31 45.84 -38.95
C ASP A 136 -2.19 45.25 -40.05
N ASP A 137 -1.59 44.75 -41.13
CA ASP A 137 -2.33 44.12 -42.23
C ASP A 137 -1.91 42.66 -42.29
N ILE A 138 -2.87 41.76 -42.07
CA ILE A 138 -2.59 40.32 -42.13
C ILE A 138 -2.26 39.94 -43.58
N PRO A 139 -1.19 39.20 -43.82
CA PRO A 139 -0.83 38.85 -45.21
C PRO A 139 -1.79 37.86 -45.84
N GLY A 140 -1.65 37.66 -47.15
CA GLY A 140 -2.49 36.71 -47.87
C GLY A 140 -1.65 35.91 -48.83
N GLN A 141 -2.29 34.91 -49.44
CA GLN A 141 -1.58 34.03 -50.35
C GLN A 141 -1.00 34.80 -51.53
N GLU A 142 -1.79 35.70 -52.12
CA GLU A 142 -1.29 36.50 -53.24
C GLU A 142 -0.24 37.49 -52.78
N VAL A 143 -0.27 37.90 -51.51
CA VAL A 143 0.69 38.87 -51.00
C VAL A 143 2.10 38.29 -51.03
N MET A 144 2.26 37.06 -50.51
CA MET A 144 3.59 36.46 -50.48
C MET A 144 4.11 36.07 -51.86
N ASN A 145 3.23 36.00 -52.87
CA ASN A 145 3.72 35.86 -54.24
C ASN A 145 4.50 37.10 -54.69
N LYS A 146 4.27 38.24 -54.04
CA LYS A 146 4.98 39.47 -54.35
C LYS A 146 5.71 40.07 -53.17
N LEU A 147 5.52 39.56 -51.96
CA LEU A 147 6.14 40.11 -50.76
C LEU A 147 6.79 39.08 -49.86
N GLY A 148 6.55 37.78 -50.06
CA GLY A 148 7.10 36.78 -49.16
C GLY A 148 8.61 36.73 -49.18
N SER A 149 9.22 36.95 -50.34
CA SER A 149 10.67 36.93 -50.44
C SER A 149 11.29 38.04 -49.58
N PHE A 150 10.71 39.24 -49.62
CA PHE A 150 11.23 40.35 -48.82
C PHE A 150 11.08 40.07 -47.32
N LEU A 151 10.02 39.36 -46.93
CA LEU A 151 9.81 39.07 -45.51
C LEU A 151 10.88 38.12 -44.99
N VAL A 152 11.29 37.14 -45.78
CA VAL A 152 12.25 36.15 -45.31
C VAL A 152 13.70 36.60 -45.53
N VAL A 153 13.97 37.37 -46.58
CA VAL A 153 15.34 37.78 -46.86
C VAL A 153 15.85 38.75 -45.80
N ASN A 154 15.03 39.75 -45.46
CA ASN A 154 15.46 40.83 -44.57
C ASN A 154 14.86 40.71 -43.18
N VAL A 155 13.53 40.65 -43.08
CA VAL A 155 12.88 40.69 -41.77
C VAL A 155 13.16 39.40 -40.99
N TRP A 156 13.01 38.25 -41.64
CA TRP A 156 13.13 36.98 -40.92
C TRP A 156 14.58 36.72 -40.51
N GLU A 157 15.55 37.22 -41.27
CA GLU A 157 16.95 36.98 -40.94
C GLU A 157 17.32 37.57 -39.59
N LYS A 158 16.86 38.80 -39.32
CA LYS A 158 17.17 39.44 -38.05
C LYS A 158 16.41 38.82 -36.88
N LEU A 159 15.30 38.13 -37.15
CA LEU A 159 14.50 37.57 -36.06
C LEU A 159 15.18 36.35 -35.45
N MET A 160 15.81 35.51 -36.27
CA MET A 160 16.43 34.29 -35.79
C MET A 160 17.66 34.54 -34.93
N GLY A 161 18.20 35.76 -34.94
CA GLY A 161 19.33 36.09 -34.10
C GLY A 161 18.97 36.48 -32.68
N THR A 162 17.69 36.40 -32.32
CA THR A 162 17.23 36.82 -31.01
C THR A 162 16.81 35.61 -30.18
N SER A 163 17.17 35.62 -28.89
CA SER A 163 16.87 34.50 -28.01
C SER A 163 15.37 34.38 -27.76
N ALA A 164 14.67 35.51 -27.69
CA ALA A 164 13.23 35.51 -27.44
C ALA A 164 12.56 36.41 -28.47
N LEU A 165 11.35 36.01 -28.87
CA LEU A 165 10.57 36.74 -29.86
C LEU A 165 9.21 37.11 -29.25
N VAL A 166 8.74 38.31 -29.59
CA VAL A 166 7.43 38.78 -29.20
C VAL A 166 6.71 39.32 -30.42
N LEU A 167 5.44 38.97 -30.57
CA LEU A 167 4.62 39.43 -31.69
C LEU A 167 3.45 40.25 -31.15
N ASP A 168 3.13 41.32 -31.85
CA ASP A 168 2.09 42.25 -31.43
C ASP A 168 0.87 42.11 -32.34
N LEU A 169 -0.30 41.98 -31.73
CA LEU A 169 -1.55 41.89 -32.47
C LEU A 169 -2.58 42.90 -32.01
N ARG A 170 -2.19 43.89 -31.20
CA ARG A 170 -3.13 44.88 -30.70
C ARG A 170 -3.74 45.69 -31.84
N HIS A 171 -2.92 46.11 -32.80
CA HIS A 171 -3.36 46.98 -33.88
C HIS A 171 -3.89 46.22 -35.09
N CYS A 172 -3.92 44.90 -35.05
CA CYS A 172 -4.50 44.13 -36.14
C CYS A 172 -6.01 44.33 -36.18
N THR A 173 -6.54 44.65 -37.35
CA THR A 173 -7.95 44.94 -37.51
C THR A 173 -8.67 43.96 -38.42
N ARG A 174 -8.17 43.75 -39.63
CA ARG A 174 -8.85 42.88 -40.58
C ARG A 174 -7.84 42.35 -41.58
N GLY A 175 -8.24 41.30 -42.28
CA GLY A 175 -7.38 40.70 -43.28
C GLY A 175 -8.03 39.47 -43.89
N HIS A 176 -7.27 38.79 -44.74
CA HIS A 176 -7.75 37.58 -45.38
C HIS A 176 -7.55 36.38 -44.47
N VAL A 177 -8.01 35.22 -44.93
CA VAL A 177 -7.88 33.98 -44.17
C VAL A 177 -6.68 33.15 -44.63
N SER A 178 -6.24 33.30 -45.88
CA SER A 178 -5.17 32.48 -46.42
C SER A 178 -3.81 32.77 -45.79
N GLY A 179 -3.69 33.84 -45.00
CA GLY A 179 -2.42 34.17 -44.40
C GLY A 179 -2.08 33.40 -43.13
N ILE A 180 -3.09 32.84 -42.45
CA ILE A 180 -2.82 32.18 -41.17
C ILE A 180 -2.05 30.88 -41.31
N PRO A 181 -2.20 30.06 -42.37
CA PRO A 181 -1.41 28.82 -42.42
C PRO A 181 0.09 29.05 -42.50
N TYR A 182 0.52 30.23 -42.93
CA TYR A 182 1.95 30.45 -43.12
C TYR A 182 2.61 31.00 -41.86
N VAL A 183 1.93 31.88 -41.13
CA VAL A 183 2.52 32.45 -39.92
C VAL A 183 2.75 31.36 -38.88
N ILE A 184 1.82 30.41 -38.78
CA ILE A 184 2.04 29.27 -37.90
C ILE A 184 3.15 28.37 -38.44
N SER A 185 3.21 28.22 -39.76
CA SER A 185 4.26 27.39 -40.35
C SER A 185 5.64 27.96 -40.08
N TYR A 186 5.78 29.29 -40.17
CA TYR A 186 7.05 29.91 -39.80
C TYR A 186 7.37 29.68 -38.34
N LEU A 187 6.36 29.76 -37.48
CA LEU A 187 6.57 29.58 -36.05
C LEU A 187 6.76 28.11 -35.67
N HIS A 188 6.11 27.19 -36.38
CA HIS A 188 6.15 25.78 -36.01
C HIS A 188 7.51 25.19 -36.34
N PRO A 189 8.26 24.68 -35.35
CA PRO A 189 9.55 24.05 -35.66
C PRO A 189 9.46 22.83 -36.54
N GLY A 190 8.38 22.05 -36.41
CA GLY A 190 8.29 20.79 -37.12
C GLY A 190 7.93 20.95 -38.59
N ASN A 191 8.04 19.84 -39.31
CA ASN A 191 7.68 19.79 -40.72
C ASN A 191 6.46 18.92 -41.00
N THR A 192 6.04 18.10 -40.04
CA THR A 192 4.86 17.27 -40.23
C THR A 192 3.59 18.11 -40.21
N VAL A 193 2.70 17.83 -41.15
CA VAL A 193 1.46 18.61 -41.29
C VAL A 193 0.45 18.10 -40.26
N LEU A 194 -0.08 19.03 -39.47
CA LEU A 194 -1.11 18.73 -38.47
C LEU A 194 -2.22 19.77 -38.57
N HIS A 195 -3.47 19.32 -38.43
CA HIS A 195 -4.63 20.18 -38.55
C HIS A 195 -5.49 20.06 -37.29
N VAL A 196 -5.55 21.14 -36.52
CA VAL A 196 -6.41 21.24 -35.35
C VAL A 196 -7.09 22.60 -35.41
N ASP A 197 -8.32 22.64 -35.93
CA ASP A 197 -9.07 23.88 -36.03
C ASP A 197 -10.53 23.57 -36.32
N THR A 198 -11.40 24.47 -35.88
CA THR A 198 -12.84 24.37 -36.13
C THR A 198 -13.34 25.74 -36.59
N VAL A 199 -13.29 25.98 -37.89
CA VAL A 199 -13.80 27.22 -38.48
C VAL A 199 -14.29 26.90 -39.88
N TYR A 200 -15.40 27.52 -40.27
CA TYR A 200 -16.04 27.23 -41.54
C TYR A 200 -16.47 28.53 -42.21
N ASP A 201 -16.40 28.57 -43.54
CA ASP A 201 -16.80 29.72 -44.33
C ASP A 201 -18.01 29.34 -45.17
N ARG A 202 -19.09 30.11 -45.02
CA ARG A 202 -20.33 29.78 -45.72
C ARG A 202 -20.19 29.83 -47.24
N PRO A 203 -19.63 30.88 -47.86
CA PRO A 203 -19.48 30.85 -49.33
C PRO A 203 -18.61 29.71 -49.82
N SER A 204 -17.57 29.33 -49.07
CA SER A 204 -16.70 28.25 -49.51
C SER A 204 -17.35 26.89 -49.34
N ASN A 205 -18.32 26.75 -48.44
CA ASN A 205 -19.02 25.52 -48.14
C ASN A 205 -18.11 24.41 -47.63
N THR A 206 -16.88 24.75 -47.26
CA THR A 206 -15.90 23.77 -46.78
C THR A 206 -15.37 24.19 -45.42
N THR A 207 -15.32 23.25 -44.49
CA THR A 207 -14.74 23.53 -43.18
C THR A 207 -13.24 23.76 -43.32
N THR A 208 -12.73 24.73 -42.56
CA THR A 208 -11.34 25.13 -42.64
C THR A 208 -10.60 24.65 -41.39
N GLU A 209 -9.46 23.98 -41.61
CA GLU A 209 -8.56 23.57 -40.53
C GLU A 209 -7.15 24.05 -40.86
N ILE A 210 -6.45 24.52 -39.84
CA ILE A 210 -5.11 25.08 -40.05
C ILE A 210 -4.17 24.00 -40.55
N TRP A 211 -3.39 24.32 -41.57
CA TRP A 211 -2.40 23.41 -42.14
C TRP A 211 -1.03 24.09 -42.09
N THR A 212 -0.05 23.40 -41.50
CA THR A 212 1.32 23.91 -41.45
C THR A 212 2.06 23.46 -42.70
N LEU A 213 1.98 24.30 -43.74
CA LEU A 213 2.56 23.98 -45.03
C LEU A 213 4.09 24.07 -44.98
N PRO A 214 4.78 23.28 -45.79
CA PRO A 214 6.25 23.36 -45.85
C PRO A 214 6.72 24.42 -46.83
N GLU A 215 5.82 25.31 -47.23
CA GLU A 215 6.14 26.33 -48.24
C GLU A 215 7.14 27.36 -47.74
N VAL A 216 7.45 27.39 -46.44
CA VAL A 216 8.36 28.40 -45.92
C VAL A 216 9.76 28.22 -46.50
N LEU A 217 10.51 29.31 -46.56
CA LEU A 217 11.88 29.31 -47.06
C LEU A 217 12.83 29.57 -45.90
N GLY A 218 13.87 28.75 -45.79
CA GLY A 218 14.83 28.89 -44.73
C GLY A 218 14.48 28.08 -43.50
N ASP A 219 15.34 28.20 -42.48
CA ASP A 219 15.15 27.47 -41.25
C ASP A 219 13.91 27.95 -40.51
N ARG A 220 13.19 27.02 -39.89
CA ARG A 220 12.03 27.34 -39.10
C ARG A 220 12.44 27.86 -37.73
N TYR A 221 11.46 28.25 -36.93
CA TYR A 221 11.73 28.69 -35.57
C TYR A 221 12.21 27.53 -34.72
N SER A 222 13.21 27.78 -33.88
CA SER A 222 13.74 26.74 -33.01
C SER A 222 12.75 26.42 -31.90
N ALA A 223 12.63 25.13 -31.57
CA ALA A 223 11.72 24.71 -30.51
C ALA A 223 12.21 25.10 -29.13
N ASP A 224 13.51 25.37 -28.97
CA ASP A 224 14.04 25.71 -27.65
C ASP A 224 13.61 27.10 -27.22
N LYS A 225 13.70 28.08 -28.12
CA LYS A 225 13.35 29.44 -27.78
C LYS A 225 11.83 29.60 -27.63
N ASP A 226 11.43 30.61 -26.87
CA ASP A 226 10.04 30.83 -26.51
C ASP A 226 9.51 32.12 -27.11
N VAL A 227 8.20 32.16 -27.34
CA VAL A 227 7.53 33.32 -27.89
C VAL A 227 6.30 33.64 -27.05
N VAL A 228 5.86 34.90 -27.12
CA VAL A 228 4.70 35.37 -26.39
C VAL A 228 3.89 36.28 -27.31
N VAL A 229 2.56 36.17 -27.23
CA VAL A 229 1.66 36.93 -28.08
C VAL A 229 1.11 38.11 -27.29
N LEU A 230 0.87 39.21 -28.00
CA LEU A 230 0.36 40.44 -27.41
C LEU A 230 -0.93 40.85 -28.10
N THR A 231 -1.93 41.23 -27.31
CA THR A 231 -3.25 41.53 -27.83
C THR A 231 -3.91 42.59 -26.96
N SER A 232 -4.96 43.21 -27.52
CA SER A 232 -5.71 44.23 -26.81
C SER A 232 -7.15 44.23 -27.34
N SER A 233 -7.91 45.28 -26.99
CA SER A 233 -9.30 45.35 -27.41
C SER A 233 -9.41 45.65 -28.91
N HIS A 234 -8.41 46.29 -29.50
CA HIS A 234 -8.44 46.62 -30.92
C HIS A 234 -7.99 45.47 -31.81
N THR A 235 -7.61 44.33 -31.23
CA THR A 235 -7.17 43.18 -32.01
C THR A 235 -8.30 42.66 -32.88
N GLY A 236 -8.00 42.45 -34.17
CA GLY A 236 -9.00 41.95 -35.09
C GLY A 236 -9.25 40.46 -34.94
N GLY A 237 -10.32 40.01 -35.61
CA GLY A 237 -10.67 38.61 -35.55
C GLY A 237 -9.63 37.69 -36.16
N VAL A 238 -8.97 38.14 -37.22
CA VAL A 238 -7.95 37.33 -37.87
C VAL A 238 -6.80 37.06 -36.92
N ALA A 239 -6.39 38.06 -36.15
CA ALA A 239 -5.34 37.86 -35.16
C ALA A 239 -5.82 37.09 -33.95
N GLU A 240 -7.13 37.05 -33.71
CA GLU A 240 -7.65 36.34 -32.54
C GLU A 240 -7.39 34.84 -32.65
N ASP A 241 -7.71 34.24 -33.80
CA ASP A 241 -7.45 32.82 -33.98
C ASP A 241 -5.97 32.52 -34.09
N ILE A 242 -5.13 33.51 -34.41
CA ILE A 242 -3.69 33.29 -34.41
C ILE A 242 -3.21 32.94 -33.02
N ALA A 243 -3.68 33.67 -32.00
CA ALA A 243 -3.33 33.33 -30.63
C ALA A 243 -4.09 32.11 -30.14
N TYR A 244 -5.31 31.89 -30.65
CA TYR A 244 -6.11 30.75 -30.20
C TYR A 244 -5.44 29.43 -30.54
N ILE A 245 -4.90 29.31 -31.75
CA ILE A 245 -4.22 28.07 -32.13
C ILE A 245 -2.93 27.90 -31.35
N LEU A 246 -2.22 29.00 -31.08
CA LEU A 246 -0.98 28.92 -30.33
C LEU A 246 -1.21 28.48 -28.89
N LYS A 247 -2.28 29.00 -28.26
CA LYS A 247 -2.57 28.60 -26.89
C LYS A 247 -2.91 27.12 -26.79
N GLN A 248 -3.72 26.62 -27.73
CA GLN A 248 -4.01 25.20 -27.76
C GLN A 248 -2.76 24.39 -28.09
N MET A 249 -1.89 24.91 -28.96
CA MET A 249 -0.62 24.26 -29.25
C MET A 249 0.29 24.24 -28.03
N ARG A 250 0.12 25.20 -27.12
CA ARG A 250 0.95 25.40 -25.93
C ARG A 250 2.37 25.82 -26.28
N ARG A 251 2.65 26.08 -27.57
CA ARG A 251 3.98 26.52 -27.97
C ARG A 251 4.31 27.89 -27.38
N ALA A 252 3.34 28.80 -27.37
CA ALA A 252 3.51 30.15 -26.87
C ALA A 252 2.67 30.36 -25.62
N ILE A 253 2.72 31.59 -25.11
CA ILE A 253 1.93 31.99 -23.94
C ILE A 253 1.26 33.32 -24.25
N VAL A 254 0.13 33.56 -23.59
CA VAL A 254 -0.68 34.75 -23.83
C VAL A 254 -0.49 35.73 -22.67
N VAL A 255 -0.30 37.01 -23.00
CA VAL A 255 -0.14 38.06 -22.02
C VAL A 255 -1.11 39.19 -22.36
N GLY A 256 -1.49 39.96 -21.34
CA GLY A 256 -2.41 41.07 -21.54
C GLY A 256 -3.86 40.66 -21.33
N GLU A 257 -4.74 41.62 -21.61
CA GLU A 257 -6.17 41.39 -21.46
C GLU A 257 -6.65 40.34 -22.46
N ARG A 258 -7.66 39.58 -22.04
CA ARG A 258 -8.27 38.60 -22.92
C ARG A 258 -8.92 39.29 -24.11
N THR A 259 -8.68 38.78 -25.31
CA THR A 259 -9.21 39.40 -26.52
C THR A 259 -10.71 39.15 -26.62
N VAL A 260 -11.31 39.72 -27.67
CA VAL A 260 -12.75 39.56 -27.89
C VAL A 260 -13.07 38.09 -28.18
N GLY A 261 -12.24 37.43 -28.99
CA GLY A 261 -12.49 36.04 -29.33
C GLY A 261 -13.64 35.82 -30.28
N GLY A 262 -14.00 36.84 -31.07
CA GLY A 262 -15.13 36.74 -31.98
C GLY A 262 -14.77 36.09 -33.30
N ALA A 263 -15.60 36.34 -34.29
CA ALA A 263 -15.39 35.76 -35.61
C ALA A 263 -14.12 36.31 -36.24
N LEU A 264 -13.45 35.44 -37.02
CA LEU A 264 -12.18 35.82 -37.62
C LEU A 264 -12.35 36.96 -38.63
N ASP A 265 -13.41 36.90 -39.44
CA ASP A 265 -13.64 37.92 -40.46
C ASP A 265 -15.12 38.29 -40.47
N LEU A 266 -15.40 39.53 -40.84
CA LEU A 266 -16.75 40.07 -40.89
C LEU A 266 -17.01 40.60 -42.28
N GLN A 267 -18.03 40.07 -42.95
CA GLN A 267 -18.31 40.47 -44.32
C GLN A 267 -18.78 41.92 -44.37
N LYS A 268 -18.29 42.65 -45.36
CA LYS A 268 -18.59 44.06 -45.53
C LYS A 268 -19.43 44.28 -46.78
N LEU A 269 -20.41 45.17 -46.68
CA LEU A 269 -21.25 45.52 -47.82
C LEU A 269 -21.68 46.98 -47.68
N ARG A 270 -21.74 47.68 -48.81
CA ARG A 270 -22.08 49.10 -48.84
C ARG A 270 -23.11 49.33 -49.93
N ILE A 271 -24.31 49.78 -49.54
CA ILE A 271 -25.38 50.13 -50.45
C ILE A 271 -26.05 51.39 -49.95
N GLY A 272 -27.08 51.83 -50.68
CA GLY A 272 -27.79 53.03 -50.31
C GLY A 272 -26.99 54.28 -50.64
N GLN A 273 -27.44 55.39 -50.04
CA GLN A 273 -26.77 56.66 -50.27
C GLN A 273 -25.44 56.73 -49.51
N SER A 274 -25.49 56.66 -48.18
CA SER A 274 -24.32 56.78 -47.34
C SER A 274 -24.70 56.35 -45.92
N ASP A 275 -23.80 56.63 -44.98
CA ASP A 275 -23.99 56.59 -43.53
C ASP A 275 -23.92 55.20 -42.90
N PHE A 276 -23.78 54.12 -43.68
CA PHE A 276 -23.72 52.80 -43.06
C PHE A 276 -23.15 51.79 -44.05
N PHE A 277 -22.18 51.00 -43.58
CA PHE A 277 -21.65 49.87 -44.31
C PHE A 277 -21.71 48.63 -43.41
N LEU A 278 -22.12 47.51 -43.99
CA LEU A 278 -22.36 46.31 -43.21
C LEU A 278 -21.05 45.68 -42.75
N THR A 279 -21.10 45.01 -41.60
CA THR A 279 -19.97 44.25 -41.06
C THR A 279 -20.49 42.91 -40.53
N VAL A 280 -21.34 42.24 -41.30
CA VAL A 280 -21.96 41.00 -40.84
C VAL A 280 -20.89 39.91 -40.71
N PRO A 281 -20.91 39.11 -39.64
CA PRO A 281 -19.94 38.00 -39.47
C PRO A 281 -20.36 36.71 -40.17
N VAL A 282 -20.16 36.66 -41.49
CA VAL A 282 -20.51 35.46 -42.25
C VAL A 282 -19.55 34.32 -41.94
N SER A 283 -18.30 34.63 -41.61
CA SER A 283 -17.28 33.61 -41.37
C SER A 283 -17.26 33.24 -39.90
N ARG A 284 -17.57 31.98 -39.61
CA ARG A 284 -17.55 31.49 -38.23
C ARG A 284 -16.47 30.42 -38.05
N ALA A 309 -3.76 47.17 -19.51
CA ALA A 309 -3.36 46.26 -20.59
C ALA A 309 -2.31 46.91 -21.49
N GLU A 310 -2.27 48.25 -21.47
CA GLU A 310 -1.30 48.97 -22.27
C GLU A 310 0.13 48.76 -21.80
N GLN A 311 0.31 48.33 -20.54
CA GLN A 311 1.64 48.09 -19.99
C GLN A 311 2.15 46.68 -20.26
N ALA A 312 1.38 45.86 -20.98
CA ALA A 312 1.79 44.49 -21.26
C ALA A 312 2.95 44.40 -22.24
N LEU A 313 3.31 45.51 -22.90
CA LEU A 313 4.43 45.48 -23.83
C LEU A 313 5.73 45.11 -23.13
N GLU A 314 5.98 45.72 -21.97
CA GLU A 314 7.16 45.41 -21.19
C GLU A 314 6.91 44.35 -20.13
N LYS A 315 5.64 43.99 -19.88
CA LYS A 315 5.35 42.95 -18.90
C LYS A 315 5.91 41.61 -19.35
N ALA A 316 5.76 41.28 -20.63
CA ALA A 316 6.34 40.05 -21.15
C ALA A 316 7.87 40.09 -21.09
N LEU A 317 8.46 41.27 -21.32
CA LEU A 317 9.91 41.40 -21.22
C LEU A 317 10.38 41.08 -19.81
N ALA A 318 9.64 41.54 -18.80
CA ALA A 318 9.97 41.16 -17.42
C ALA A 318 9.82 39.66 -17.23
N ILE A 319 8.78 39.06 -17.82
CA ILE A 319 8.62 37.61 -17.77
C ILE A 319 9.78 36.93 -18.48
N LEU A 320 10.18 37.45 -19.63
CA LEU A 320 11.29 36.86 -20.38
C LEU A 320 12.59 36.93 -19.60
N LYS A 321 12.85 38.06 -18.93
CA LYS A 321 14.07 38.18 -18.13
C LYS A 321 14.08 37.16 -17.00
N LEU A 322 12.96 37.00 -16.31
CA LEU A 322 12.85 35.93 -15.32
C LEU A 322 12.99 34.57 -15.96
N ARG A 323 12.32 34.36 -17.09
CA ARG A 323 12.46 33.11 -17.84
C ARG A 323 13.89 32.91 -18.32
N ARG A 324 14.62 34.01 -18.55
CA ARG A 324 16.03 33.88 -18.91
C ARG A 324 16.87 33.37 -17.74
N ALA A 325 16.42 33.62 -16.51
CA ALA A 325 17.13 33.18 -15.32
C ALA A 325 16.59 31.88 -14.73
N LEU A 326 15.45 31.38 -15.23
CA LEU A 326 14.90 30.13 -14.75
C LEU A 326 15.77 28.92 -15.07
N PRO A 327 16.55 28.93 -16.16
CA PRO A 327 17.62 27.92 -16.27
C PRO A 327 18.60 27.99 -15.12
N GLY A 328 18.83 29.17 -14.57
CA GLY A 328 19.72 29.35 -13.44
C GLY A 328 19.04 29.53 -12.10
N VAL A 329 17.72 29.32 -12.01
CA VAL A 329 17.05 29.46 -10.72
C VAL A 329 17.36 28.27 -9.81
N ILE A 330 17.73 27.13 -10.38
CA ILE A 330 17.93 25.93 -9.59
C ILE A 330 19.41 25.62 -9.35
N GLN A 331 20.33 26.22 -10.12
CA GLN A 331 21.74 25.93 -9.93
C GLN A 331 22.22 26.37 -8.55
N ARG A 332 21.78 27.55 -8.10
CA ARG A 332 22.12 27.99 -6.75
C ARG A 332 21.35 27.22 -5.69
N LEU A 333 20.11 26.84 -5.97
CA LEU A 333 19.33 26.08 -5.01
C LEU A 333 19.97 24.72 -4.73
N GLN A 334 20.47 24.05 -5.78
CA GLN A 334 21.21 22.82 -5.58
C GLN A 334 22.51 23.05 -4.82
N GLU A 335 23.10 24.25 -4.97
CA GLU A 335 24.36 24.54 -4.28
C GLU A 335 24.14 24.74 -2.79
N VAL A 336 23.10 25.51 -2.42
CA VAL A 336 22.92 25.85 -1.02
C VAL A 336 22.24 24.73 -0.25
N LEU A 337 21.47 23.88 -0.92
CA LEU A 337 20.75 22.82 -0.22
C LEU A 337 21.69 21.78 0.35
N GLN A 338 22.64 21.29 -0.46
CA GLN A 338 23.54 20.22 -0.05
C GLN A 338 24.86 20.73 0.51
N GLU A 339 24.84 21.90 1.17
CA GLU A 339 26.06 22.41 1.78
C GLU A 339 26.59 21.46 2.85
N TYR A 340 25.71 20.94 3.70
CA TYR A 340 26.11 20.02 4.75
C TYR A 340 24.90 19.16 5.15
N TYR A 341 25.13 18.29 6.14
CA TYR A 341 24.27 17.14 6.42
C TYR A 341 22.96 17.52 7.10
N THR A 342 22.76 18.77 7.51
CA THR A 342 21.58 19.13 8.29
C THR A 342 20.29 18.87 7.52
N LEU A 343 20.22 19.32 6.27
CA LEU A 343 18.99 19.27 5.50
C LEU A 343 18.99 18.18 4.43
N VAL A 344 20.11 17.49 4.21
CA VAL A 344 20.22 16.54 3.11
C VAL A 344 20.30 15.12 3.66
N ASP A 345 19.65 14.87 4.79
CA ASP A 345 19.55 13.51 5.31
C ASP A 345 18.91 12.57 4.30
N ARG A 346 18.09 13.11 3.39
CA ARG A 346 17.45 12.37 2.32
C ARG A 346 17.90 12.91 0.95
N VAL A 347 19.20 13.15 0.81
CA VAL A 347 19.76 13.79 -0.38
C VAL A 347 19.61 12.95 -1.66
N PRO A 348 19.59 11.60 -1.63
CA PRO A 348 19.37 10.90 -2.90
C PRO A 348 18.06 11.26 -3.57
N ALA A 349 17.00 11.46 -2.78
CA ALA A 349 15.73 11.93 -3.34
C ALA A 349 15.76 13.41 -3.67
N LEU A 350 16.47 14.21 -2.88
CA LEU A 350 16.48 15.66 -3.07
C LEU A 350 17.06 16.04 -4.42
N LEU A 351 18.34 15.72 -4.65
CA LEU A 351 19.01 16.16 -5.86
C LEU A 351 18.32 15.64 -7.12
N HIS A 352 17.71 14.46 -7.04
CA HIS A 352 16.99 13.92 -8.20
C HIS A 352 15.81 14.81 -8.57
N HIS A 353 15.07 15.28 -7.57
CA HIS A 353 13.87 16.08 -7.83
C HIS A 353 14.19 17.54 -8.13
N LEU A 354 15.40 18.01 -7.82
CA LEU A 354 15.73 19.41 -8.02
C LEU A 354 15.71 19.80 -9.49
N ALA A 355 16.09 18.88 -10.38
CA ALA A 355 16.05 19.14 -11.81
C ALA A 355 14.72 18.75 -12.45
N SER A 356 13.77 18.26 -11.65
CA SER A 356 12.49 17.82 -12.19
C SER A 356 11.49 18.94 -12.39
N MET A 357 11.73 20.11 -11.81
CA MET A 357 10.80 21.23 -11.97
C MET A 357 10.80 21.72 -13.41
N ASP A 358 9.61 22.01 -13.92
CA ASP A 358 9.43 22.42 -15.31
C ASP A 358 9.42 23.94 -15.42
N LEU A 359 10.26 24.47 -16.31
CA LEU A 359 10.38 25.91 -16.48
C LEU A 359 9.27 26.51 -17.33
N SER A 360 8.54 25.68 -18.08
CA SER A 360 7.41 26.19 -18.86
C SER A 360 6.19 26.44 -17.98
N SER A 361 5.99 25.64 -16.94
CA SER A 361 4.83 25.81 -16.07
C SER A 361 4.86 27.14 -15.34
N VAL A 362 6.02 27.54 -14.83
CA VAL A 362 6.14 28.81 -14.13
C VAL A 362 6.06 29.94 -15.15
N VAL A 363 5.20 30.93 -14.86
CA VAL A 363 4.95 32.01 -15.81
C VAL A 363 5.05 33.37 -15.11
N SER A 364 5.17 33.36 -13.78
CA SER A 364 5.23 34.60 -13.03
C SER A 364 6.05 34.39 -11.77
N GLU A 365 6.54 35.49 -11.22
CA GLU A 365 7.33 35.44 -10.00
C GLU A 365 6.52 34.88 -8.83
N GLU A 366 5.26 35.33 -8.70
CA GLU A 366 4.39 34.80 -7.66
C GLU A 366 4.14 33.31 -7.86
N ASP A 367 3.90 32.90 -9.11
CA ASP A 367 3.70 31.48 -9.39
C ASP A 367 4.96 30.67 -9.16
N LEU A 368 6.13 31.28 -9.38
CA LEU A 368 7.39 30.59 -9.13
C LEU A 368 7.53 30.23 -7.66
N VAL A 369 7.13 31.14 -6.76
CA VAL A 369 7.22 30.88 -5.33
C VAL A 369 6.33 29.71 -4.94
N THR A 370 5.10 29.66 -5.47
CA THR A 370 4.17 28.61 -5.09
C THR A 370 4.64 27.24 -5.54
N LYS A 371 5.14 27.11 -6.78
CA LYS A 371 5.52 25.80 -7.29
C LYS A 371 6.80 25.30 -6.62
N LEU A 372 7.78 26.17 -6.41
CA LEU A 372 9.00 25.74 -5.75
C LEU A 372 8.74 25.29 -4.31
N ASN A 373 7.89 26.03 -3.61
CA ASN A 373 7.59 25.68 -2.22
C ASN A 373 6.94 24.31 -2.10
N ALA A 374 5.96 24.03 -2.97
CA ALA A 374 5.28 22.75 -2.93
C ALA A 374 6.23 21.60 -3.28
N GLY A 375 7.06 21.80 -4.30
CA GLY A 375 7.99 20.74 -4.69
C GLY A 375 9.05 20.47 -3.64
N LEU A 376 9.57 21.52 -3.01
CA LEU A 376 10.63 21.33 -2.02
C LEU A 376 10.12 20.55 -0.81
N GLN A 377 8.90 20.85 -0.35
CA GLN A 377 8.34 20.15 0.80
C GLN A 377 8.09 18.67 0.48
N ALA A 378 7.56 18.39 -0.72
CA ALA A 378 7.20 17.03 -1.06
C ALA A 378 8.41 16.11 -1.13
N VAL A 379 9.51 16.58 -1.74
CA VAL A 379 10.68 15.72 -1.91
C VAL A 379 11.35 15.43 -0.58
N SER A 380 11.46 16.45 0.28
CA SER A 380 12.12 16.27 1.58
C SER A 380 11.24 15.54 2.59
N GLU A 381 9.94 15.41 2.32
CA GLU A 381 8.98 14.79 3.23
C GLU A 381 8.96 15.45 4.60
N ASP A 382 9.40 16.71 4.69
CA ASP A 382 9.41 17.47 5.92
C ASP A 382 8.81 18.85 5.66
N PRO A 383 7.50 18.93 5.40
CA PRO A 383 6.89 20.23 5.09
C PRO A 383 7.00 21.23 6.23
N ARG A 384 6.94 20.77 7.49
CA ARG A 384 6.96 21.70 8.61
C ARG A 384 8.30 22.39 8.77
N LEU A 385 9.37 21.81 8.24
CA LEU A 385 10.68 22.44 8.34
C LEU A 385 10.72 23.70 7.47
N LEU A 386 11.73 24.54 7.74
CA LEU A 386 11.85 25.81 7.03
C LEU A 386 12.02 25.58 5.54
N VAL A 387 11.27 26.34 4.74
CA VAL A 387 11.24 26.17 3.30
C VAL A 387 11.33 27.52 2.61
N GLN A 388 11.18 27.53 1.29
CA GLN A 388 11.29 28.76 0.52
C GLN A 388 10.26 29.79 0.97
N VAL A 389 10.66 31.05 0.98
CA VAL A 389 9.85 32.14 1.48
C VAL A 389 9.57 33.12 0.35
N VAL A 390 8.39 33.74 0.39
CA VAL A 390 7.99 34.71 -0.63
C VAL A 390 9.05 35.81 -0.74
N LYS A 391 9.28 36.26 -1.98
CA LYS A 391 10.30 37.26 -2.25
C LYS A 391 10.02 38.55 -1.49
N SER A 392 11.09 39.26 -1.15
CA SER A 392 11.01 40.54 -0.49
C SER A 392 10.93 41.67 -1.52
N LYS A 393 10.42 42.81 -1.07
CA LYS A 393 10.27 43.97 -1.93
C LYS A 393 11.63 44.58 -2.29
N GLU A 417 29.42 47.61 44.35
CA GLU A 417 28.54 46.64 43.72
C GLU A 417 27.13 46.73 44.29
N ALA A 418 26.35 47.68 43.79
CA ALA A 418 24.96 47.86 44.21
C ALA A 418 23.98 47.66 43.07
N ALA A 419 24.18 48.37 41.95
CA ALA A 419 23.27 48.22 40.82
C ALA A 419 23.31 46.81 40.25
N ARG A 420 24.47 46.14 40.32
CA ARG A 420 24.58 44.81 39.75
C ARG A 420 23.65 43.81 40.44
N ARG A 421 23.74 43.72 41.77
CA ARG A 421 22.86 42.78 42.45
C ARG A 421 21.44 43.31 42.58
N ALA A 422 21.24 44.63 42.49
CA ALA A 422 19.87 45.14 42.39
C ALA A 422 19.20 44.63 41.13
N LEU A 423 19.90 44.71 39.99
CA LEU A 423 19.38 44.15 38.75
C LEU A 423 19.23 42.64 38.85
N VAL A 424 20.17 41.98 39.53
CA VAL A 424 20.11 40.52 39.68
C VAL A 424 18.83 40.11 40.40
N ASP A 425 18.51 40.79 41.49
CA ASP A 425 17.27 40.47 42.20
C ASP A 425 16.03 40.99 41.48
N ALA A 426 16.17 41.99 40.61
CA ALA A 426 15.02 42.50 39.89
C ALA A 426 14.60 41.56 38.77
N VAL A 427 15.56 40.98 38.04
CA VAL A 427 15.22 40.15 36.90
C VAL A 427 14.55 38.85 37.36
N PHE A 428 15.01 38.29 38.46
CA PHE A 428 14.50 37.01 38.96
C PHE A 428 13.68 37.27 40.21
N GLN A 429 12.41 36.88 40.16
CA GLN A 429 11.51 37.02 41.30
C GLN A 429 11.10 35.65 41.81
N VAL A 430 11.16 35.48 43.12
CA VAL A 430 10.83 34.22 43.78
C VAL A 430 9.88 34.52 44.92
N SER A 431 8.81 33.72 45.03
CA SER A 431 7.83 33.87 46.08
C SER A 431 7.47 32.50 46.64
N VAL A 432 7.05 32.48 47.89
CA VAL A 432 6.66 31.25 48.57
C VAL A 432 5.14 31.16 48.46
N LEU A 433 4.68 30.48 47.42
CA LEU A 433 3.25 30.29 47.22
C LEU A 433 2.70 29.41 48.34
N PRO A 434 1.49 29.70 48.83
CA PRO A 434 0.96 28.93 49.97
C PRO A 434 0.87 27.44 49.67
N GLY A 435 1.19 26.63 50.66
CA GLY A 435 1.33 25.20 50.47
C GLY A 435 2.76 24.73 50.27
N ASN A 436 3.75 25.56 50.57
CA ASN A 436 5.17 25.20 50.43
C ASN A 436 5.51 24.86 48.98
N VAL A 437 5.09 25.73 48.07
CA VAL A 437 5.38 25.60 46.65
C VAL A 437 6.16 26.82 46.19
N GLY A 438 7.27 26.60 45.51
CA GLY A 438 8.12 27.69 45.04
C GLY A 438 7.67 28.18 43.68
N TYR A 439 7.57 29.51 43.55
CA TYR A 439 7.13 30.15 42.33
C TYR A 439 8.28 30.92 41.71
N LEU A 440 8.58 30.63 40.44
CA LEU A 440 9.68 31.25 39.72
C LEU A 440 9.20 31.83 38.41
N ARG A 441 9.67 33.03 38.09
CA ARG A 441 9.30 33.71 36.86
C ARG A 441 10.55 34.22 36.16
N PHE A 442 10.57 34.09 34.84
CA PHE A 442 11.70 34.52 34.01
C PHE A 442 11.25 35.60 33.04
N ASP A 443 12.16 36.53 32.74
CA ASP A 443 11.94 37.55 31.73
C ASP A 443 12.89 37.46 30.55
N SER A 444 14.14 37.08 30.78
CA SER A 444 15.12 36.96 29.70
C SER A 444 16.25 36.05 30.17
N PHE A 445 16.76 35.24 29.24
CA PHE A 445 17.86 34.34 29.56
C PHE A 445 19.19 35.04 29.67
N ALA A 446 19.30 36.27 29.18
CA ALA A 446 20.55 37.05 29.17
C ALA A 446 21.58 36.22 28.41
N ASP A 447 22.80 36.03 28.93
CA ASP A 447 23.82 35.25 28.24
C ASP A 447 24.49 34.32 29.24
N ALA A 448 25.09 33.25 28.70
CA ALA A 448 25.75 32.27 29.56
C ALA A 448 26.92 32.89 30.32
N SER A 449 27.69 33.75 29.65
CA SER A 449 28.81 34.40 30.32
C SER A 449 28.33 35.31 31.46
N VAL A 450 27.23 36.04 31.23
CA VAL A 450 26.71 36.95 32.25
C VAL A 450 26.28 36.16 33.48
N LEU A 451 25.56 35.05 33.28
CA LEU A 451 25.15 34.22 34.40
C LEU A 451 26.35 33.60 35.09
N GLY A 452 27.35 33.18 34.33
CA GLY A 452 28.55 32.61 34.92
C GLY A 452 29.30 33.60 35.80
N VAL A 453 29.38 34.85 35.37
CA VAL A 453 30.11 35.85 36.14
C VAL A 453 29.27 36.49 37.24
N LEU A 454 27.95 36.38 37.17
CA LEU A 454 27.06 36.90 38.21
C LEU A 454 26.38 35.79 39.00
N ALA A 455 26.93 34.57 38.94
CA ALA A 455 26.29 33.43 39.59
C ALA A 455 26.08 33.58 41.09
N PRO A 456 27.09 33.96 41.90
CA PRO A 456 26.88 33.91 43.36
C PRO A 456 25.70 34.73 43.84
N TYR A 457 25.50 35.93 43.28
CA TYR A 457 24.33 36.71 43.63
C TYR A 457 23.05 36.01 43.19
N ILE A 458 23.07 35.42 41.98
CA ILE A 458 21.88 34.79 41.44
C ILE A 458 21.45 33.62 42.34
N VAL A 459 22.38 32.73 42.67
CA VAL A 459 22.04 31.59 43.51
C VAL A 459 21.65 32.07 44.91
N HIS A 460 22.44 32.99 45.48
CA HIS A 460 22.13 33.50 46.82
C HIS A 460 20.76 34.15 46.88
N GLN A 461 20.25 34.63 45.75
CA GLN A 461 18.94 35.26 45.74
C GLN A 461 17.80 34.31 45.42
N VAL A 462 18.02 33.30 44.57
CA VAL A 462 16.92 32.47 44.09
C VAL A 462 16.88 31.11 44.80
N TRP A 463 18.03 30.48 45.03
CA TRP A 463 18.02 29.11 45.54
C TRP A 463 18.01 29.04 47.06
N GLU A 464 18.46 30.09 47.74
CA GLU A 464 18.35 30.12 49.19
C GLU A 464 16.91 29.99 49.70
N PRO A 465 15.91 30.68 49.13
CA PRO A 465 14.54 30.43 49.55
C PRO A 465 13.83 29.29 48.82
N LEU A 466 14.42 28.76 47.76
CA LEU A 466 13.79 27.70 46.97
C LEU A 466 14.21 26.30 47.40
N GLN A 467 15.14 26.17 48.34
CA GLN A 467 15.62 24.85 48.73
C GLN A 467 14.59 24.09 49.56
N ASP A 468 13.75 24.80 50.30
CA ASP A 468 12.79 24.17 51.20
C ASP A 468 11.47 23.83 50.51
N THR A 469 11.29 24.20 49.25
CA THR A 469 10.03 23.99 48.58
C THR A 469 9.80 22.51 48.27
N GLU A 470 8.61 22.01 48.59
CA GLU A 470 8.27 20.63 48.25
C GLU A 470 8.09 20.46 46.75
N HIS A 471 7.35 21.37 46.12
CA HIS A 471 7.17 21.39 44.68
C HIS A 471 7.50 22.77 44.15
N LEU A 472 7.93 22.82 42.90
CA LEU A 472 8.36 24.07 42.27
C LEU A 472 7.61 24.27 40.97
N ILE A 473 7.20 25.51 40.72
CA ILE A 473 6.49 25.89 39.50
C ILE A 473 7.24 27.06 38.86
N MET A 474 7.45 26.96 37.55
CA MET A 474 8.14 27.98 36.77
C MET A 474 7.15 28.66 35.83
N ASP A 475 7.16 29.98 35.82
CA ASP A 475 6.26 30.78 35.00
C ASP A 475 7.11 31.57 34.00
N LEU A 476 7.37 30.96 32.85
CA LEU A 476 8.14 31.59 31.78
C LEU A 476 7.24 32.06 30.63
N ARG A 477 5.97 32.35 30.93
CA ARG A 477 5.05 32.81 29.89
C ARG A 477 5.53 34.12 29.27
N GLN A 478 5.96 35.06 30.10
CA GLN A 478 6.45 36.35 29.61
C GLN A 478 7.98 36.31 29.54
N ASN A 479 8.47 35.54 28.57
CA ASN A 479 9.91 35.37 28.42
C ASN A 479 10.27 34.98 26.99
N PRO A 480 10.58 35.95 26.13
CA PRO A 480 11.13 35.61 24.81
C PRO A 480 12.44 34.85 24.89
N GLY A 481 13.26 35.12 25.91
CA GLY A 481 14.49 34.38 26.13
C GLY A 481 15.66 34.87 25.29
N GLY A 482 15.68 34.51 24.01
CA GLY A 482 16.75 34.91 23.13
C GLY A 482 17.77 33.81 22.93
N PRO A 483 19.04 34.10 23.29
CA PRO A 483 20.10 33.11 23.09
C PRO A 483 19.87 31.86 23.93
N SER A 484 20.29 30.72 23.38
CA SER A 484 20.16 29.43 24.04
C SER A 484 21.49 28.88 24.53
N THR A 485 22.45 29.76 24.80
CA THR A 485 23.76 29.31 25.27
C THR A 485 23.71 28.86 26.73
N ALA A 486 22.80 29.42 27.52
CA ALA A 486 22.70 29.10 28.94
C ALA A 486 21.74 27.97 29.24
N VAL A 487 21.17 27.33 28.21
CA VAL A 487 20.22 26.24 28.45
C VAL A 487 20.84 25.08 29.21
N PRO A 488 22.01 24.55 28.82
CA PRO A 488 22.57 23.42 29.59
C PRO A 488 22.89 23.76 31.03
N LEU A 489 23.28 25.01 31.32
CA LEU A 489 23.60 25.38 32.70
C LEU A 489 22.38 25.29 33.61
N LEU A 490 21.23 25.75 33.13
CA LEU A 490 20.01 25.67 33.94
C LEU A 490 19.57 24.22 34.12
N LEU A 491 19.72 23.39 33.08
CA LEU A 491 19.35 21.99 33.17
C LEU A 491 20.23 21.20 34.12
N SER A 492 21.39 21.75 34.51
CA SER A 492 22.29 21.02 35.40
C SER A 492 21.75 20.95 36.82
N TYR A 493 21.02 21.98 37.26
CA TYR A 493 20.55 22.01 38.64
C TYR A 493 19.59 20.86 38.93
N PHE A 494 18.69 20.58 38.00
CA PHE A 494 17.74 19.49 38.13
C PHE A 494 18.45 18.19 37.77
N GLN A 495 19.01 17.53 38.80
CA GLN A 495 19.84 16.36 38.58
C GLN A 495 19.06 15.18 38.01
N GLY A 496 17.76 15.11 38.29
CA GLY A 496 16.96 14.01 37.82
C GLY A 496 17.08 12.80 38.71
N PRO A 497 16.44 11.70 38.30
CA PRO A 497 16.48 10.48 39.14
C PRO A 497 17.87 9.93 39.37
N ASP A 498 18.77 10.03 38.38
CA ASP A 498 20.10 9.44 38.48
C ASP A 498 21.13 10.53 38.75
N PRO A 499 21.78 10.55 39.90
CA PRO A 499 22.79 11.59 40.17
C PRO A 499 23.98 11.55 39.23
N GLY A 500 24.27 10.40 38.62
CA GLY A 500 25.39 10.28 37.72
C GLY A 500 25.22 11.11 36.47
N PRO A 501 26.33 11.56 35.88
CA PRO A 501 26.25 12.35 34.65
C PRO A 501 25.61 11.55 33.52
N VAL A 502 24.81 12.26 32.70
CA VAL A 502 24.12 11.64 31.58
C VAL A 502 23.92 12.70 30.51
N ARG A 503 24.00 12.29 29.25
CA ARG A 503 23.80 13.20 28.14
C ARG A 503 22.35 13.66 28.10
N LEU A 504 22.15 14.95 27.82
CA LEU A 504 20.82 15.54 27.76
C LEU A 504 20.32 15.67 26.32
N PHE A 505 21.10 16.33 25.47
CA PHE A 505 20.72 16.51 24.07
C PHE A 505 21.97 16.57 23.22
N THR A 506 21.83 16.14 21.97
CA THR A 506 22.93 16.12 21.00
C THR A 506 22.62 17.13 19.90
N THR A 507 23.53 18.08 19.70
CA THR A 507 23.36 19.13 18.72
C THR A 507 24.42 19.01 17.64
N TYR A 508 24.01 19.25 16.39
CA TYR A 508 24.91 19.22 15.24
C TYR A 508 24.71 20.49 14.43
N ASP A 509 25.82 21.15 14.11
CA ASP A 509 25.79 22.41 13.38
C ASP A 509 26.23 22.20 11.94
N ARG A 510 25.43 22.73 11.00
CA ARG A 510 25.78 22.60 9.59
C ARG A 510 27.07 23.36 9.27
N ARG A 511 27.22 24.58 9.81
CA ARG A 511 28.36 25.41 9.45
C ARG A 511 29.68 24.78 9.87
N THR A 512 29.72 24.21 11.08
CA THR A 512 30.96 23.64 11.60
C THR A 512 31.07 22.13 11.40
N ASN A 513 29.97 21.45 11.06
CA ASN A 513 29.95 20.00 10.89
C ASN A 513 30.47 19.30 12.16
N VAL A 514 30.05 19.80 13.32
CA VAL A 514 30.50 19.30 14.61
C VAL A 514 29.28 18.83 15.39
N THR A 515 29.33 17.59 15.87
CA THR A 515 28.30 17.05 16.75
C THR A 515 28.84 17.09 18.18
N GLN A 516 28.16 17.84 19.03
CA GLN A 516 28.61 18.07 20.41
C GLN A 516 27.60 17.44 21.38
N GLU A 517 28.12 16.70 22.36
CA GLU A 517 27.30 16.09 23.39
C GLU A 517 27.29 17.00 24.61
N HIS A 518 26.09 17.34 25.09
CA HIS A 518 25.93 18.25 26.22
C HIS A 518 25.69 17.41 27.48
N TYR A 519 26.78 17.08 28.16
CA TYR A 519 26.68 16.34 29.40
C TYR A 519 26.18 17.23 30.53
N SER A 520 25.60 16.60 31.55
CA SER A 520 25.10 17.34 32.70
C SER A 520 26.26 17.91 33.50
N HIS A 521 26.34 19.24 33.54
CA HIS A 521 27.41 19.92 34.27
C HIS A 521 27.32 19.60 35.76
N THR A 522 28.30 18.86 36.28
CA THR A 522 28.26 18.37 37.65
C THR A 522 29.12 19.19 38.60
N GLU A 523 29.62 20.34 38.17
CA GLU A 523 30.44 21.21 39.00
C GLU A 523 29.73 22.52 39.34
N LEU A 524 28.40 22.47 39.40
CA LEU A 524 27.62 23.66 39.70
C LEU A 524 27.73 24.04 41.17
N LEU A 525 27.69 25.34 41.44
CA LEU A 525 27.75 25.87 42.79
C LEU A 525 26.34 26.13 43.32
N GLY A 526 25.62 25.03 43.55
CA GLY A 526 24.25 25.10 44.01
C GLY A 526 23.92 23.89 44.86
N GLN A 527 22.67 23.84 45.32
CA GLN A 527 22.19 22.77 46.18
C GLN A 527 21.68 21.56 45.41
N ARG A 528 21.68 21.61 44.07
CA ARG A 528 21.29 20.50 43.22
C ARG A 528 19.84 20.07 43.53
N TYR A 529 18.93 20.99 43.22
CA TYR A 529 17.50 20.73 43.41
C TYR A 529 17.08 19.45 42.70
N SER A 530 16.37 18.59 43.42
CA SER A 530 15.96 17.31 42.90
C SER A 530 14.63 17.42 42.17
N THR A 531 14.48 16.62 41.11
CA THR A 531 13.23 16.58 40.36
C THR A 531 12.11 15.89 41.12
N GLN A 532 12.42 15.26 42.26
CA GLN A 532 11.38 14.62 43.06
C GLN A 532 10.39 15.66 43.57
N GLY A 533 9.11 15.31 43.51
CA GLY A 533 8.05 16.25 43.80
C GLY A 533 7.49 16.96 42.59
N GLY A 534 8.21 16.94 41.46
CA GLY A 534 7.71 17.51 40.23
C GLY A 534 7.95 18.99 40.08
N VAL A 535 8.30 19.41 38.86
CA VAL A 535 8.43 20.81 38.51
C VAL A 535 7.55 21.08 37.31
N TYR A 536 6.81 22.18 37.34
CA TYR A 536 5.80 22.49 36.34
C TYR A 536 6.18 23.78 35.62
N LEU A 537 6.13 23.75 34.29
CA LEU A 537 6.44 24.91 33.46
C LEU A 537 5.14 25.49 32.93
N LEU A 538 4.92 26.78 33.17
CA LEU A 538 3.76 27.48 32.63
C LEU A 538 4.21 28.18 31.34
N ILE A 539 3.78 27.64 30.20
CA ILE A 539 4.21 28.14 28.90
C ILE A 539 3.01 28.74 28.19
N SER A 540 3.17 29.97 27.70
CA SER A 540 2.18 30.64 26.89
C SER A 540 2.57 30.49 25.41
N HIS A 541 1.88 31.23 24.54
CA HIS A 541 2.20 31.23 23.12
C HIS A 541 3.31 32.21 22.76
N ARG A 542 4.03 32.74 23.75
CA ARG A 542 5.10 33.71 23.53
C ARG A 542 6.41 33.24 24.15
N THR A 543 6.67 31.94 24.12
CA THR A 543 7.92 31.41 24.65
C THR A 543 9.10 31.72 23.74
N ALA A 544 8.86 31.96 22.45
CA ALA A 544 9.89 32.34 21.47
C ALA A 544 10.88 31.19 21.35
N THR A 545 12.16 31.37 21.64
CA THR A 545 13.19 30.41 21.28
C THR A 545 13.85 29.74 22.48
N ALA A 546 14.46 30.53 23.37
CA ALA A 546 15.25 29.94 24.45
C ALA A 546 14.36 29.26 25.48
N ALA A 547 13.29 29.94 25.91
CA ALA A 547 12.36 29.32 26.85
C ALA A 547 11.70 28.09 26.22
N GLU A 548 11.42 28.14 24.93
CA GLU A 548 10.80 27.01 24.27
C GLU A 548 11.74 25.81 24.20
N GLU A 549 13.03 26.05 23.95
CA GLU A 549 14.01 24.96 24.06
C GLU A 549 14.07 24.41 25.47
N LEU A 550 14.09 25.27 26.49
CA LEU A 550 14.15 24.76 27.85
C LEU A 550 12.92 23.90 28.16
N ALA A 551 11.75 24.35 27.74
CA ALA A 551 10.53 23.58 27.98
C ALA A 551 10.54 22.25 27.22
N PHE A 552 10.96 22.27 25.96
CA PHE A 552 10.99 21.02 25.19
C PHE A 552 11.99 20.04 25.79
N LEU A 553 13.15 20.54 26.22
CA LEU A 553 14.14 19.67 26.84
C LEU A 553 13.63 19.10 28.15
N MET A 554 12.90 19.91 28.94
CA MET A 554 12.29 19.39 30.17
C MET A 554 11.29 18.29 29.85
N GLN A 555 10.45 18.51 28.84
CA GLN A 555 9.43 17.51 28.51
C GLN A 555 10.04 16.23 27.98
N SER A 556 11.08 16.34 27.14
CA SER A 556 11.68 15.15 26.53
C SER A 556 12.34 14.26 27.58
N LEU A 557 13.08 14.84 28.53
CA LEU A 557 13.73 14.05 29.56
C LEU A 557 12.77 13.52 30.60
N GLY A 558 11.52 13.99 30.60
CA GLY A 558 10.56 13.53 31.58
C GLY A 558 10.72 14.13 32.97
N TRP A 559 11.60 15.12 33.13
CA TRP A 559 11.81 15.75 34.43
C TRP A 559 10.71 16.75 34.78
N ALA A 560 9.83 17.07 33.84
CA ALA A 560 8.81 18.08 34.07
C ALA A 560 7.67 17.84 33.08
N THR A 561 6.54 18.49 33.37
CA THR A 561 5.40 18.50 32.46
C THR A 561 4.93 19.92 32.27
N LEU A 562 4.35 20.20 31.10
CA LEU A 562 4.02 21.55 30.69
C LEU A 562 2.53 21.81 30.86
N VAL A 563 2.19 22.92 31.49
CA VAL A 563 0.81 23.34 31.70
C VAL A 563 0.64 24.73 31.09
N GLY A 564 -0.23 24.84 30.11
CA GLY A 564 -0.50 26.09 29.44
C GLY A 564 -0.79 25.88 27.98
N GLU A 565 -0.82 26.98 27.23
CA GLU A 565 -1.12 26.93 25.81
C GLU A 565 0.07 26.38 25.03
N ILE A 566 -0.17 26.11 23.74
CA ILE A 566 0.90 25.65 22.87
C ILE A 566 1.88 26.79 22.62
N THR A 567 3.11 26.43 22.26
CA THR A 567 4.15 27.42 22.06
C THR A 567 4.08 28.03 20.66
N ALA A 568 4.77 29.15 20.49
CA ALA A 568 4.79 29.82 19.19
C ALA A 568 5.48 28.96 18.14
N GLY A 569 6.57 28.29 18.51
CA GLY A 569 7.33 27.49 17.57
C GLY A 569 8.45 28.23 16.85
N SER A 570 8.58 29.54 17.05
CA SER A 570 9.65 30.28 16.42
C SER A 570 11.00 29.84 16.94
N LEU A 571 11.98 29.72 16.04
CA LEU A 571 13.32 29.27 16.41
C LEU A 571 14.38 30.14 15.73
N LEU A 572 15.45 30.43 16.47
CA LEU A 572 16.53 31.29 16.00
C LEU A 572 17.63 30.55 15.25
N HIS A 573 17.63 29.21 15.28
CA HIS A 573 18.66 28.44 14.56
C HIS A 573 18.24 28.26 13.10
N THR A 574 18.25 29.37 12.37
CA THR A 574 17.89 29.39 10.96
C THR A 574 18.55 30.59 10.31
N HIS A 575 19.22 30.38 9.19
CA HIS A 575 19.90 31.43 8.45
C HIS A 575 19.23 31.61 7.10
N THR A 576 18.88 32.84 6.76
CA THR A 576 18.25 33.17 5.50
C THR A 576 19.33 33.50 4.47
N VAL A 577 19.43 32.66 3.44
CA VAL A 577 20.46 32.84 2.41
C VAL A 577 19.89 33.66 1.26
N PRO A 578 20.64 34.61 0.72
CA PRO A 578 20.18 35.33 -0.48
C PRO A 578 20.08 34.39 -1.66
N LEU A 579 19.12 34.69 -2.55
CA LEU A 579 18.88 33.81 -3.70
C LEU A 579 18.29 34.65 -4.83
N LEU A 580 19.12 35.00 -5.81
CA LEU A 580 18.68 35.56 -7.10
C LEU A 580 17.85 36.84 -6.90
N GLU A 581 18.53 37.85 -6.38
CA GLU A 581 17.94 39.19 -6.25
C GLU A 581 18.41 40.07 -7.39
N THR A 582 17.46 40.63 -8.14
CA THR A 582 17.78 41.51 -9.24
C THR A 582 16.61 42.48 -9.43
N THR A 583 16.92 43.78 -9.48
CA THR A 583 15.92 44.83 -9.60
C THR A 583 14.86 44.70 -8.51
N GLU A 584 13.62 44.43 -8.90
CA GLU A 584 12.49 44.37 -7.98
C GLU A 584 12.16 42.94 -7.54
N GLY A 585 12.95 41.95 -7.93
CA GLY A 585 12.66 40.58 -7.58
C GLY A 585 12.84 40.29 -6.10
N GLY A 586 14.09 40.29 -5.63
CA GLY A 586 14.38 40.11 -4.22
C GLY A 586 13.91 38.78 -3.64
N LEU A 587 14.18 37.69 -4.34
CA LEU A 587 13.84 36.37 -3.81
C LEU A 587 14.71 36.04 -2.61
N SER A 588 14.14 35.27 -1.68
CA SER A 588 14.83 34.91 -0.45
C SER A 588 14.50 33.47 -0.08
N LEU A 589 15.48 32.78 0.51
CA LEU A 589 15.33 31.41 0.95
C LEU A 589 15.86 31.27 2.37
N THR A 590 15.12 30.56 3.22
CA THR A 590 15.51 30.28 4.59
C THR A 590 15.72 28.79 4.75
N VAL A 591 16.85 28.40 5.32
CA VAL A 591 17.23 27.00 5.46
C VAL A 591 17.64 26.72 6.90
N PRO A 592 17.10 25.68 7.53
CA PRO A 592 17.53 25.35 8.89
C PRO A 592 18.99 24.92 8.94
N VAL A 593 19.63 25.20 10.05
CA VAL A 593 21.04 24.90 10.23
C VAL A 593 21.29 23.88 11.33
N LEU A 594 20.44 23.82 12.36
CA LEU A 594 20.64 22.94 13.50
C LEU A 594 19.68 21.76 13.43
N THR A 595 20.16 20.59 13.83
CA THR A 595 19.36 19.36 13.84
C THR A 595 18.76 19.08 15.22
N PHE A 596 19.59 19.11 16.26
CA PHE A 596 19.15 18.97 17.66
C PHE A 596 18.44 17.62 17.87
N ILE A 597 19.22 16.57 17.68
CA ILE A 597 18.76 15.21 17.97
C ILE A 597 18.66 15.02 19.47
N ASP A 598 17.50 14.51 19.93
CA ASP A 598 17.25 14.37 21.35
C ASP A 598 17.93 13.12 21.90
N ASN A 599 17.60 12.76 23.14
CA ASN A 599 18.17 11.56 23.74
C ASN A 599 17.64 10.29 23.07
N HIS A 600 16.38 10.31 22.63
CA HIS A 600 15.79 9.14 21.98
C HIS A 600 16.37 8.88 20.60
N GLY A 601 17.16 9.80 20.05
CA GLY A 601 17.70 9.65 18.72
C GLY A 601 16.81 10.13 17.61
N GLU A 602 15.66 10.72 17.92
CA GLU A 602 14.73 11.23 16.93
C GLU A 602 14.97 12.72 16.75
N CYS A 603 15.29 13.13 15.52
CA CYS A 603 15.55 14.54 15.24
C CYS A 603 14.27 15.35 15.46
N TRP A 604 14.43 16.50 16.11
CA TRP A 604 13.32 17.41 16.39
C TRP A 604 13.25 18.45 15.29
N LEU A 605 12.25 18.32 14.42
CA LEU A 605 12.09 19.28 13.33
C LEU A 605 11.69 20.66 13.83
N GLY A 606 11.07 20.73 15.01
CA GLY A 606 10.66 22.01 15.57
C GLY A 606 9.33 22.49 15.02
N GLY A 607 8.94 23.68 15.50
CA GLY A 607 7.69 24.30 15.09
C GLY A 607 6.65 24.41 16.18
N GLY A 608 6.93 23.94 17.38
CA GLY A 608 5.98 24.02 18.47
C GLY A 608 5.88 22.74 19.28
N VAL A 609 5.82 22.87 20.60
CA VAL A 609 5.76 21.72 21.50
C VAL A 609 4.38 21.69 22.15
N VAL A 610 3.74 20.52 22.12
CA VAL A 610 2.41 20.35 22.69
C VAL A 610 2.53 20.06 24.18
N PRO A 611 1.89 20.85 25.03
CA PRO A 611 1.94 20.60 26.47
C PRO A 611 1.06 19.41 26.84
N ASP A 612 1.07 19.07 28.13
CA ASP A 612 0.24 17.99 28.64
C ASP A 612 -1.11 18.47 29.16
N ALA A 613 -1.37 19.77 29.11
CA ALA A 613 -2.66 20.32 29.55
C ALA A 613 -2.92 21.57 28.73
N ILE A 614 -3.73 21.43 27.69
CA ILE A 614 -4.05 22.55 26.79
C ILE A 614 -5.09 23.42 27.49
N VAL A 615 -4.64 24.47 28.17
CA VAL A 615 -5.50 25.36 28.93
C VAL A 615 -5.10 26.80 28.56
N LEU A 616 -6.06 27.71 28.69
CA LEU A 616 -5.83 29.11 28.36
C LEU A 616 -4.67 29.67 29.18
N ALA A 617 -3.95 30.61 28.57
CA ALA A 617 -2.75 31.18 29.20
C ALA A 617 -3.10 31.88 30.52
N GLU A 618 -4.21 32.61 30.54
CA GLU A 618 -4.64 33.25 31.78
C GLU A 618 -4.99 32.21 32.84
N GLU A 619 -5.65 31.12 32.45
CA GLU A 619 -6.07 30.07 33.35
C GLU A 619 -4.97 29.03 33.60
N ALA A 620 -3.71 29.38 33.36
CA ALA A 620 -2.63 28.42 33.55
C ALA A 620 -2.34 28.19 35.03
N LEU A 621 -2.37 29.25 35.84
CA LEU A 621 -1.96 29.12 37.24
C LEU A 621 -2.93 28.25 38.03
N ASP A 622 -4.24 28.44 37.86
CA ASP A 622 -5.21 27.63 38.58
C ASP A 622 -5.16 26.18 38.12
N ARG A 623 -4.96 25.95 36.82
CA ARG A 623 -4.82 24.59 36.33
C ARG A 623 -3.58 23.92 36.92
N ALA A 624 -2.48 24.65 37.02
CA ALA A 624 -1.27 24.10 37.62
C ALA A 624 -1.49 23.80 39.09
N GLN A 625 -2.22 24.66 39.79
CA GLN A 625 -2.54 24.38 41.20
C GLN A 625 -3.39 23.13 41.32
N GLU A 626 -4.36 22.94 40.42
CA GLU A 626 -5.18 21.73 40.44
C GLU A 626 -4.33 20.50 40.17
N VAL A 627 -3.38 20.60 39.24
CA VAL A 627 -2.49 19.47 38.97
C VAL A 627 -1.63 19.16 40.19
N LEU A 628 -1.14 20.20 40.87
CA LEU A 628 -0.45 20.01 42.14
C LEU A 628 -1.32 19.23 43.12
N GLU A 629 -2.59 19.62 43.25
CA GLU A 629 -3.48 18.95 44.18
C GLU A 629 -3.69 17.49 43.81
N PHE A 630 -3.84 17.21 42.51
CA PHE A 630 -4.08 15.84 42.07
C PHE A 630 -2.81 15.00 42.16
N HIS A 631 -1.66 15.57 41.77
CA HIS A 631 -0.42 14.81 41.72
C HIS A 631 0.07 14.39 43.10
N ARG A 632 -0.47 14.96 44.17
CA ARG A 632 -0.06 14.56 45.52
C ARG A 632 -0.53 13.16 45.89
N SER A 633 -1.56 12.64 45.23
CA SER A 633 -2.13 11.34 45.53
C SER A 633 -1.90 10.32 44.42
N LEU A 634 -0.91 10.56 43.56
CA LEU A 634 -0.65 9.64 42.45
C LEU A 634 -0.20 8.27 42.96
N GLY A 635 0.65 8.25 43.98
CA GLY A 635 1.16 6.98 44.49
C GLY A 635 0.08 6.10 45.10
N GLU A 636 -0.91 6.71 45.76
CA GLU A 636 -1.96 5.93 46.40
C GLU A 636 -2.75 5.12 45.40
N LEU A 637 -3.09 5.71 44.25
CA LEU A 637 -3.85 4.99 43.23
C LEU A 637 -3.07 3.81 42.68
N VAL A 638 -1.78 4.01 42.40
CA VAL A 638 -0.95 2.93 41.88
C VAL A 638 -0.82 1.81 42.91
N GLU A 639 -0.59 2.17 44.18
CA GLU A 639 -0.48 1.16 45.22
C GLU A 639 -1.77 0.38 45.38
N GLY A 640 -2.91 1.07 45.35
CA GLY A 640 -4.19 0.39 45.45
C GLY A 640 -4.44 -0.54 44.28
N THR A 641 -4.11 -0.08 43.06
CA THR A 641 -4.27 -0.93 41.89
C THR A 641 -3.40 -2.18 41.99
N GLY A 642 -2.15 -2.02 42.42
CA GLY A 642 -1.29 -3.18 42.59
C GLY A 642 -1.80 -4.15 43.63
N HIS A 643 -2.26 -3.63 44.77
CA HIS A 643 -2.79 -4.49 45.82
C HIS A 643 -4.04 -5.23 45.34
N LEU A 644 -4.93 -4.54 44.64
CA LEU A 644 -6.15 -5.17 44.13
C LEU A 644 -5.82 -6.25 43.10
N LEU A 645 -4.87 -5.96 42.21
CA LEU A 645 -4.48 -6.93 41.20
C LEU A 645 -3.85 -8.16 41.86
N GLU A 646 -3.06 -7.95 42.91
CA GLU A 646 -2.53 -9.09 43.65
C GLU A 646 -3.65 -9.88 44.33
N ALA A 647 -4.67 -9.18 44.83
CA ALA A 647 -5.71 -9.85 45.60
C ALA A 647 -6.62 -10.70 44.72
N HIS A 648 -7.08 -10.16 43.59
CA HIS A 648 -8.19 -10.77 42.87
C HIS A 648 -7.85 -11.02 41.40
N TYR A 649 -6.69 -11.61 41.12
CA TYR A 649 -6.35 -11.98 39.76
C TYR A 649 -6.16 -13.49 39.66
N ALA A 650 -6.56 -14.05 38.52
CA ALA A 650 -6.56 -15.49 38.35
C ALA A 650 -5.16 -16.07 38.14
N ARG A 651 -4.22 -15.28 37.61
CA ARG A 651 -2.89 -15.78 37.31
C ARG A 651 -1.85 -15.09 38.19
N PRO A 652 -1.38 -15.74 39.26
CA PRO A 652 -0.40 -15.07 40.13
C PRO A 652 0.96 -14.89 39.50
N GLU A 653 1.33 -15.75 38.53
CA GLU A 653 2.65 -15.63 37.91
C GLU A 653 2.80 -14.30 37.17
N VAL A 654 1.71 -13.78 36.61
CA VAL A 654 1.75 -12.46 36.01
C VAL A 654 1.88 -11.39 37.10
N VAL A 655 1.16 -11.56 38.21
CA VAL A 655 1.19 -10.58 39.29
C VAL A 655 2.59 -10.42 39.85
N GLY A 656 3.33 -11.53 39.94
CA GLY A 656 4.65 -11.50 40.54
C GLY A 656 5.58 -10.48 39.91
N GLN A 657 5.41 -10.22 38.61
CA GLN A 657 6.15 -9.16 37.93
C GLN A 657 5.35 -7.89 37.74
N THR A 658 4.01 -7.99 37.69
CA THR A 658 3.18 -6.79 37.55
C THR A 658 3.35 -5.86 38.73
N GLY A 659 3.34 -6.40 39.94
CA GLY A 659 3.54 -5.56 41.12
C GLY A 659 4.89 -4.86 41.09
N ALA A 660 5.94 -5.60 40.77
CA ALA A 660 7.28 -5.02 40.72
C ALA A 660 7.38 -3.93 39.65
N LEU A 661 6.81 -4.18 38.47
CA LEU A 661 6.91 -3.18 37.41
C LEU A 661 6.13 -1.92 37.75
N LEU A 662 4.92 -2.08 38.31
CA LEU A 662 4.15 -0.90 38.72
C LEU A 662 4.87 -0.12 39.81
N ARG A 663 5.46 -0.81 40.79
CA ARG A 663 6.19 -0.12 41.84
C ARG A 663 7.39 0.63 41.28
N ALA A 664 8.12 -0.01 40.34
CA ALA A 664 9.28 0.64 39.74
C ALA A 664 8.87 1.87 38.93
N LYS A 665 7.77 1.77 38.18
CA LYS A 665 7.30 2.91 37.41
C LYS A 665 6.87 4.05 38.34
N LEU A 666 6.20 3.72 39.45
CA LEU A 666 5.80 4.74 40.40
C LEU A 666 7.01 5.41 41.04
N ALA A 667 8.03 4.63 41.39
CA ALA A 667 9.20 5.19 42.06
C ALA A 667 9.93 6.19 41.15
N GLN A 668 10.11 5.84 39.89
CA GLN A 668 10.77 6.75 38.95
C GLN A 668 9.91 7.99 38.71
N GLY A 669 8.60 7.81 38.55
CA GLY A 669 7.70 8.93 38.33
C GLY A 669 7.30 9.09 36.89
N ALA A 670 7.10 7.98 36.18
CA ALA A 670 6.72 8.03 34.77
C ALA A 670 5.25 8.40 34.58
N TYR A 671 4.44 8.35 35.62
CA TYR A 671 3.03 8.73 35.53
C TYR A 671 2.81 10.22 35.76
N ARG A 672 3.88 11.00 35.94
CA ARG A 672 3.74 12.43 36.15
C ARG A 672 3.13 13.13 34.95
N THR A 673 3.19 12.53 33.76
CA THR A 673 2.61 13.14 32.58
C THR A 673 1.09 13.04 32.55
N ALA A 674 0.49 12.27 33.46
CA ALA A 674 -0.96 12.23 33.57
C ALA A 674 -1.47 13.49 34.24
N VAL A 675 -2.46 14.13 33.62
CA VAL A 675 -2.95 15.42 34.11
C VAL A 675 -4.31 15.25 34.77
N ASP A 676 -5.03 14.19 34.42
CA ASP A 676 -6.36 13.95 34.94
C ASP A 676 -6.53 12.48 35.26
N LEU A 677 -7.65 12.16 35.93
CA LEU A 677 -7.91 10.77 36.31
C LEU A 677 -8.08 9.87 35.09
N GLU A 678 -8.76 10.36 34.06
CA GLU A 678 -9.01 9.53 32.88
C GLU A 678 -7.72 9.19 32.16
N SER A 679 -6.81 10.17 32.02
CA SER A 679 -5.52 9.90 31.39
C SER A 679 -4.72 8.88 32.18
N LEU A 680 -4.72 9.00 33.51
CA LEU A 680 -4.01 8.04 34.34
C LEU A 680 -4.61 6.65 34.20
N ALA A 681 -5.93 6.55 34.14
CA ALA A 681 -6.57 5.26 33.95
C ALA A 681 -6.20 4.65 32.61
N SER A 682 -6.20 5.47 31.55
CA SER A 682 -5.82 4.96 30.23
C SER A 682 -4.38 4.48 30.22
N GLN A 683 -3.47 5.22 30.87
CA GLN A 683 -2.08 4.81 30.93
C GLN A 683 -1.92 3.51 31.71
N LEU A 684 -2.66 3.37 32.82
CA LEU A 684 -2.61 2.14 33.59
C LEU A 684 -3.10 0.95 32.77
N THR A 685 -4.20 1.14 32.03
CA THR A 685 -4.69 0.07 31.16
C THR A 685 -3.65 -0.30 30.12
N ALA A 686 -3.03 0.71 29.49
CA ALA A 686 -2.04 0.43 28.46
C ALA A 686 -0.87 -0.35 29.03
N ASP A 687 -0.37 0.06 30.20
CA ASP A 687 0.76 -0.63 30.82
C ASP A 687 0.40 -2.07 31.18
N LEU A 688 -0.74 -2.26 31.85
CA LEU A 688 -1.13 -3.59 32.27
C LEU A 688 -1.33 -4.51 31.08
N GLN A 689 -2.01 -4.03 30.02
CA GLN A 689 -2.25 -4.87 28.86
C GLN A 689 -0.95 -5.16 28.10
N GLU A 690 -0.04 -4.19 28.03
CA GLU A 690 1.16 -4.39 27.24
C GLU A 690 2.15 -5.33 27.94
N MET A 691 2.23 -5.30 29.27
CA MET A 691 3.23 -6.15 29.90
C MET A 691 2.67 -7.46 30.44
N SER A 692 1.38 -7.51 30.78
CA SER A 692 0.80 -8.75 31.26
C SER A 692 0.41 -9.70 30.14
N GLY A 693 0.34 -9.21 28.91
CA GLY A 693 -0.09 -10.04 27.79
C GLY A 693 -1.57 -10.31 27.74
N ASP A 694 -2.35 -9.65 28.58
CA ASP A 694 -3.79 -9.87 28.68
C ASP A 694 -4.52 -8.60 28.27
N HIS A 695 -5.50 -8.74 27.38
CA HIS A 695 -6.30 -7.61 26.93
C HIS A 695 -7.64 -7.50 27.65
N ARG A 696 -8.02 -8.51 28.43
CA ARG A 696 -9.28 -8.44 29.16
C ARG A 696 -9.19 -7.52 30.36
N LEU A 697 -8.01 -7.37 30.95
CA LEU A 697 -7.84 -6.48 32.09
C LEU A 697 -8.03 -5.03 31.65
N LEU A 698 -8.85 -4.30 32.39
CA LEU A 698 -9.22 -2.95 32.00
C LEU A 698 -9.56 -2.13 33.24
N VAL A 699 -9.21 -0.85 33.20
CA VAL A 699 -9.49 0.09 34.28
C VAL A 699 -10.21 1.29 33.67
N PHE A 700 -11.34 1.67 34.27
CA PHE A 700 -12.15 2.78 33.78
C PHE A 700 -12.51 3.70 34.93
N HIS A 701 -12.83 4.94 34.59
CA HIS A 701 -13.19 5.96 35.56
C HIS A 701 -14.70 6.09 35.64
N SER A 702 -15.26 5.82 36.81
CA SER A 702 -16.70 5.88 37.05
C SER A 702 -17.48 5.04 36.05
N PRO A 721 -46.72 -19.13 30.55
CA PRO A 721 -47.71 -19.70 29.62
C PRO A 721 -47.57 -19.14 28.21
N GLU A 722 -48.56 -18.36 27.77
CA GLU A 722 -48.51 -17.78 26.42
C GLU A 722 -47.36 -16.80 26.28
N GLU A 723 -47.10 -15.99 27.31
CA GLU A 723 -45.98 -15.07 27.25
C GLU A 723 -44.65 -15.83 27.22
N LEU A 724 -44.55 -16.92 27.99
CA LEU A 724 -43.35 -17.74 27.95
C LEU A 724 -43.13 -18.34 26.57
N SER A 725 -44.21 -18.85 25.95
CA SER A 725 -44.10 -19.41 24.62
C SER A 725 -43.68 -18.36 23.60
N TYR A 726 -44.27 -17.17 23.69
CA TYR A 726 -43.89 -16.09 22.77
C TYR A 726 -42.43 -15.71 22.95
N LEU A 727 -41.97 -15.59 24.19
CA LEU A 727 -40.59 -15.21 24.45
C LEU A 727 -39.62 -16.27 23.91
N ILE A 728 -39.90 -17.55 24.19
CA ILE A 728 -38.97 -18.58 23.75
C ILE A 728 -38.99 -18.72 22.24
N GLU A 729 -40.14 -18.53 21.59
CA GLU A 729 -40.18 -18.59 20.14
C GLU A 729 -39.48 -17.40 19.51
N ALA A 730 -39.54 -16.23 20.14
CA ALA A 730 -38.81 -15.07 19.63
C ALA A 730 -37.31 -15.23 19.83
N LEU A 731 -36.90 -15.89 20.91
CA LEU A 731 -35.47 -16.06 21.17
C LEU A 731 -34.83 -17.06 20.21
N PHE A 732 -35.49 -18.20 19.98
CA PHE A 732 -34.92 -19.30 19.21
C PHE A 732 -35.35 -19.23 17.75
N LYS A 733 -34.56 -19.88 16.90
CA LYS A 733 -34.86 -20.06 15.49
C LYS A 733 -34.56 -21.53 15.17
N THR A 734 -35.55 -22.40 15.34
CA THR A 734 -35.38 -23.83 15.18
C THR A 734 -35.97 -24.28 13.85
N GLU A 735 -35.15 -24.96 13.04
CA GLU A 735 -35.60 -25.47 11.77
C GLU A 735 -34.76 -26.69 11.40
N VAL A 736 -35.28 -27.49 10.49
CA VAL A 736 -34.60 -28.67 9.97
C VAL A 736 -34.25 -28.38 8.52
N LEU A 737 -32.98 -28.07 8.27
CA LEU A 737 -32.53 -27.77 6.92
C LEU A 737 -32.55 -29.04 6.07
N PRO A 738 -32.66 -28.88 4.74
CA PRO A 738 -32.64 -30.07 3.87
C PRO A 738 -31.34 -30.84 4.03
N GLY A 739 -31.43 -32.16 3.92
CA GLY A 739 -30.31 -33.04 4.17
C GLY A 739 -30.25 -33.63 5.56
N ARG A 740 -31.31 -33.49 6.35
CA ARG A 740 -31.38 -34.03 7.71
C ARG A 740 -30.25 -33.48 8.59
N LEU A 741 -30.31 -32.17 8.80
CA LEU A 741 -29.41 -31.51 9.74
C LEU A 741 -30.14 -30.35 10.40
N GLY A 742 -29.98 -30.22 11.71
CA GLY A 742 -30.65 -29.17 12.44
C GLY A 742 -29.92 -27.83 12.35
N TYR A 743 -30.64 -26.78 12.72
CA TYR A 743 -30.09 -25.42 12.71
C TYR A 743 -30.52 -24.68 13.97
N LEU A 744 -30.41 -25.34 15.12
CA LEU A 744 -30.76 -24.69 16.38
C LEU A 744 -29.87 -23.48 16.62
N ARG A 745 -30.49 -22.35 16.98
CA ARG A 745 -29.80 -21.10 17.18
C ARG A 745 -30.00 -20.61 18.60
N PHE A 746 -28.93 -20.16 19.24
CA PHE A 746 -28.96 -19.63 20.60
C PHE A 746 -28.71 -18.13 20.51
N ASP A 747 -29.78 -17.36 20.35
CA ASP A 747 -29.64 -15.90 20.26
C ASP A 747 -29.07 -15.32 21.54
N ALA A 748 -29.63 -15.71 22.69
CA ALA A 748 -29.12 -15.24 23.97
C ALA A 748 -29.59 -16.21 25.06
N MET A 749 -28.66 -16.97 25.63
CA MET A 749 -28.97 -17.89 26.72
C MET A 749 -27.81 -17.83 27.71
N ALA A 750 -27.99 -17.06 28.78
CA ALA A 750 -26.97 -16.86 29.80
C ALA A 750 -27.57 -16.97 31.19
N GLU A 751 -28.44 -17.96 31.39
CA GLU A 751 -29.11 -18.14 32.67
C GLU A 751 -28.31 -19.08 33.57
N LEU A 752 -28.76 -19.19 34.82
CA LEU A 752 -28.09 -20.02 35.81
C LEU A 752 -28.96 -21.20 36.25
N GLU A 753 -30.18 -20.94 36.72
CA GLU A 753 -31.08 -21.98 37.18
C GLU A 753 -32.42 -22.01 36.46
N THR A 754 -32.81 -20.90 35.81
CA THR A 754 -34.05 -20.92 35.04
C THR A 754 -33.97 -21.84 33.84
N VAL A 755 -32.76 -22.19 33.40
CA VAL A 755 -32.62 -23.15 32.31
C VAL A 755 -33.15 -24.51 32.72
N LYS A 756 -32.78 -24.97 33.92
CA LYS A 756 -33.33 -26.21 34.44
C LYS A 756 -34.70 -26.02 35.08
N ALA A 757 -35.12 -24.78 35.34
CA ALA A 757 -36.44 -24.54 35.89
C ALA A 757 -37.53 -24.73 34.84
N ILE A 758 -37.30 -24.25 33.62
CA ILE A 758 -38.31 -24.37 32.57
C ILE A 758 -38.51 -25.83 32.19
N GLY A 759 -37.42 -26.55 31.97
CA GLY A 759 -37.47 -27.98 31.70
C GLY A 759 -38.36 -28.35 30.54
N PRO A 760 -39.42 -29.12 30.82
CA PRO A 760 -40.23 -29.68 29.72
C PRO A 760 -40.86 -28.65 28.80
N GLN A 761 -41.32 -27.50 29.33
CA GLN A 761 -42.03 -26.54 28.50
C GLN A 761 -41.17 -26.00 27.36
N LEU A 762 -39.84 -26.07 27.49
CA LEU A 762 -38.95 -25.74 26.38
C LEU A 762 -38.36 -26.96 25.71
N VAL A 763 -38.10 -28.03 26.47
CA VAL A 763 -37.49 -29.22 25.89
C VAL A 763 -38.42 -29.84 24.85
N GLN A 764 -39.72 -29.94 25.18
CA GLN A 764 -40.67 -30.52 24.24
C GLN A 764 -40.84 -29.63 23.02
N LEU A 765 -40.83 -28.31 23.21
CA LEU A 765 -41.12 -27.41 22.10
C LEU A 765 -39.94 -27.30 21.14
N VAL A 766 -38.70 -27.29 21.66
CA VAL A 766 -37.51 -27.07 20.85
C VAL A 766 -36.65 -28.32 20.74
N TRP A 767 -36.23 -28.88 21.88
CA TRP A 767 -35.30 -30.01 21.84
C TRP A 767 -35.93 -31.25 21.22
N GLN A 768 -37.19 -31.53 21.55
CA GLN A 768 -37.85 -32.73 21.04
C GLN A 768 -38.06 -32.68 19.53
N LYS A 769 -38.02 -31.49 18.94
CA LYS A 769 -38.19 -31.38 17.48
C LYS A 769 -36.92 -31.80 16.73
N LEU A 770 -35.74 -31.52 17.30
CA LEU A 770 -34.48 -31.83 16.66
C LEU A 770 -33.83 -33.10 17.22
N ILE A 771 -34.61 -33.95 17.88
CA ILE A 771 -34.04 -35.12 18.54
C ILE A 771 -33.48 -36.11 17.53
N ASP A 772 -34.14 -36.25 16.38
CA ASP A 772 -33.77 -37.24 15.37
C ASP A 772 -33.20 -36.57 14.11
N THR A 773 -32.39 -35.53 14.31
CA THR A 773 -31.87 -34.79 13.17
C THR A 773 -30.76 -35.56 12.45
N ALA A 774 -30.04 -36.43 13.17
CA ALA A 774 -28.87 -37.17 12.71
C ALA A 774 -27.68 -36.26 12.43
N ALA A 775 -27.84 -34.94 12.58
CA ALA A 775 -26.75 -33.97 12.46
C ALA A 775 -27.26 -32.66 13.02
N LEU A 776 -26.51 -32.07 13.95
CA LEU A 776 -26.95 -30.87 14.63
C LEU A 776 -25.92 -29.76 14.43
N VAL A 777 -26.40 -28.56 14.15
CA VAL A 777 -25.54 -27.39 13.98
C VAL A 777 -26.02 -26.31 14.95
N VAL A 778 -25.08 -25.76 15.72
CA VAL A 778 -25.38 -24.71 16.69
C VAL A 778 -24.97 -23.37 16.08
N ASP A 779 -25.88 -22.42 16.07
CA ASP A 779 -25.62 -21.08 15.55
C ASP A 779 -25.23 -20.19 16.73
N LEU A 780 -23.94 -20.16 17.04
CA LEU A 780 -23.41 -19.34 18.12
C LEU A 780 -22.82 -18.03 17.63
N ARG A 781 -23.03 -17.68 16.36
CA ARG A 781 -22.52 -16.42 15.85
C ARG A 781 -23.16 -15.24 16.57
N TYR A 782 -24.47 -15.32 16.82
CA TYR A 782 -25.21 -14.26 17.51
C TYR A 782 -25.56 -14.77 18.90
N ASN A 783 -24.64 -14.58 19.84
CA ASN A 783 -24.86 -14.99 21.23
C ASN A 783 -23.99 -14.15 22.15
N PRO A 784 -24.45 -12.97 22.55
CA PRO A 784 -23.64 -12.12 23.44
C PRO A 784 -23.65 -12.59 24.89
N GLY A 785 -24.29 -13.73 25.14
CA GLY A 785 -24.33 -14.29 26.49
C GLY A 785 -22.96 -14.54 27.06
N SER A 786 -22.72 -14.06 28.28
CA SER A 786 -21.40 -14.12 28.90
C SER A 786 -21.51 -14.61 30.34
N TYR A 787 -22.26 -15.70 30.54
CA TYR A 787 -22.47 -16.29 31.86
C TYR A 787 -22.07 -17.76 31.79
N SER A 788 -20.79 -18.05 32.03
CA SER A 788 -20.29 -19.42 32.06
C SER A 788 -20.64 -20.03 33.43
N THR A 789 -21.93 -20.21 33.65
CA THR A 789 -22.46 -20.71 34.92
C THR A 789 -23.13 -22.07 34.79
N ALA A 790 -24.00 -22.25 33.80
CA ALA A 790 -24.67 -23.51 33.55
C ALA A 790 -24.26 -24.14 32.23
N VAL A 791 -23.09 -23.75 31.70
CA VAL A 791 -22.63 -24.32 30.43
C VAL A 791 -22.42 -25.83 30.50
N PRO A 792 -21.78 -26.39 31.52
CA PRO A 792 -21.58 -27.85 31.52
C PRO A 792 -22.87 -28.64 31.49
N LEU A 793 -23.97 -28.10 32.00
CA LEU A 793 -25.25 -28.81 31.94
C LEU A 793 -25.67 -29.04 30.49
N LEU A 794 -25.49 -28.02 29.64
CA LEU A 794 -25.78 -28.20 28.21
C LEU A 794 -24.83 -29.21 27.57
N CYS A 795 -23.56 -29.18 27.96
CA CYS A 795 -22.58 -30.09 27.37
C CYS A 795 -22.87 -31.54 27.71
N SER A 796 -23.48 -31.80 28.87
CA SER A 796 -23.71 -33.17 29.32
C SER A 796 -24.67 -33.93 28.42
N TYR A 797 -25.44 -33.24 27.59
CA TYR A 797 -26.40 -33.92 26.72
C TYR A 797 -25.70 -34.75 25.65
N PHE A 798 -24.62 -34.23 25.09
CA PHE A 798 -24.01 -34.88 23.92
C PHE A 798 -23.18 -36.10 24.30
N PHE A 799 -22.54 -36.09 25.47
CA PHE A 799 -21.70 -37.21 25.87
C PHE A 799 -22.55 -38.38 26.38
N GLU A 800 -21.88 -39.50 26.61
CA GLU A 800 -22.56 -40.69 27.10
C GLU A 800 -23.05 -40.48 28.53
N ALA A 801 -24.22 -41.05 28.82
CA ALA A 801 -24.86 -40.81 30.12
C ALA A 801 -24.11 -41.51 31.25
N GLU A 802 -23.81 -42.80 31.08
CA GLU A 802 -23.29 -43.59 32.19
C GLU A 802 -21.94 -43.12 32.75
N PRO A 803 -20.93 -42.76 31.95
CA PRO A 803 -19.63 -42.43 32.53
C PRO A 803 -19.57 -40.98 32.97
N ARG A 804 -18.65 -40.72 33.90
CA ARG A 804 -18.42 -39.37 34.40
C ARG A 804 -17.25 -38.79 33.61
N GLN A 805 -17.57 -38.00 32.60
CA GLN A 805 -16.56 -37.42 31.73
C GLN A 805 -16.07 -36.09 32.28
N HIS A 806 -14.76 -35.95 32.40
CA HIS A 806 -14.14 -34.72 32.90
C HIS A 806 -14.13 -33.69 31.77
N LEU A 807 -15.03 -32.70 31.84
CA LEU A 807 -15.12 -31.70 30.79
C LEU A 807 -13.93 -30.74 30.85
N TYR A 808 -13.81 -30.00 31.94
CA TYR A 808 -12.70 -29.08 32.14
C TYR A 808 -12.60 -28.74 33.62
N SER A 809 -11.46 -28.19 34.01
CA SER A 809 -11.20 -27.80 35.38
C SER A 809 -11.05 -26.29 35.45
N VAL A 810 -11.73 -25.67 36.42
CA VAL A 810 -11.74 -24.24 36.61
C VAL A 810 -10.95 -23.91 37.87
N PHE A 811 -10.05 -22.93 37.78
CA PHE A 811 -9.21 -22.51 38.90
C PHE A 811 -9.71 -21.16 39.41
N ASP A 812 -10.02 -21.10 40.69
CA ASP A 812 -10.56 -19.90 41.32
C ASP A 812 -9.52 -19.29 42.25
N ARG A 813 -9.22 -18.01 42.04
CA ARG A 813 -8.25 -17.33 42.89
C ARG A 813 -8.78 -17.17 44.32
N ALA A 814 -10.06 -16.80 44.47
CA ALA A 814 -10.62 -16.60 45.80
C ALA A 814 -10.61 -17.90 46.61
N THR A 815 -10.98 -19.00 45.98
CA THR A 815 -10.91 -20.30 46.64
C THR A 815 -9.49 -20.84 46.69
N SER A 816 -8.63 -20.39 45.77
CA SER A 816 -7.19 -20.68 45.80
C SER A 816 -6.91 -22.18 45.65
N ARG A 817 -7.71 -22.85 44.82
CA ARG A 817 -7.46 -24.24 44.48
C ARG A 817 -8.23 -24.58 43.20
N VAL A 818 -7.84 -25.67 42.57
CA VAL A 818 -8.39 -26.07 41.28
C VAL A 818 -9.68 -26.85 41.49
N MET A 819 -10.75 -26.40 40.86
CA MET A 819 -12.03 -27.09 40.88
C MET A 819 -12.21 -27.91 39.61
N GLU A 820 -12.95 -29.00 39.73
CA GLU A 820 -13.24 -29.88 38.60
C GLU A 820 -14.72 -29.81 38.27
N VAL A 821 -15.03 -29.87 36.97
CA VAL A 821 -16.40 -29.79 36.47
C VAL A 821 -16.71 -31.11 35.77
N TRP A 822 -17.82 -31.73 36.16
CA TRP A 822 -18.21 -33.03 35.63
C TRP A 822 -19.57 -32.93 34.97
N THR A 823 -19.81 -33.81 33.99
CA THR A 823 -21.09 -33.87 33.33
C THR A 823 -22.17 -34.40 34.27
N VAL A 824 -23.37 -33.87 34.11
CA VAL A 824 -24.49 -34.30 34.96
C VAL A 824 -24.86 -35.75 34.62
N PRO A 825 -24.94 -36.65 35.60
CA PRO A 825 -25.25 -38.05 35.29
C PRO A 825 -26.59 -38.24 34.60
N GLN A 826 -27.60 -37.45 34.95
CA GLN A 826 -28.93 -37.61 34.36
C GLN A 826 -29.69 -36.30 34.50
N VAL A 827 -30.06 -35.70 33.37
CA VAL A 827 -30.86 -34.49 33.36
C VAL A 827 -32.19 -34.68 32.64
N ALA A 828 -32.20 -35.44 31.55
CA ALA A 828 -33.43 -35.68 30.80
C ALA A 828 -33.29 -36.99 30.05
N GLY A 829 -34.44 -37.52 29.60
CA GLY A 829 -34.47 -38.76 28.87
C GLY A 829 -34.14 -38.67 27.40
N GLN A 830 -33.90 -37.46 26.89
CA GLN A 830 -33.59 -37.25 25.48
C GLN A 830 -32.15 -36.76 25.39
N ARG A 831 -31.23 -37.68 25.07
CA ARG A 831 -29.83 -37.36 24.88
C ARG A 831 -29.48 -37.48 23.40
N TYR A 832 -28.65 -36.56 22.91
CA TYR A 832 -28.44 -36.44 21.47
C TYR A 832 -27.77 -37.67 20.89
N GLY A 833 -26.75 -38.19 21.56
CA GLY A 833 -26.04 -39.36 21.09
C GLY A 833 -24.58 -39.10 20.80
N PRO A 834 -23.72 -40.06 21.13
CA PRO A 834 -22.28 -39.83 20.95
C PRO A 834 -21.82 -39.88 19.51
N GLN A 835 -22.32 -40.84 18.72
CA GLN A 835 -21.77 -41.05 17.38
C GLN A 835 -22.22 -39.97 16.40
N LYS A 836 -23.37 -39.35 16.64
CA LYS A 836 -23.88 -38.35 15.71
C LYS A 836 -23.00 -37.11 15.73
N ASP A 837 -22.80 -36.52 14.55
CA ASP A 837 -21.87 -35.41 14.41
C ASP A 837 -22.46 -34.13 15.03
N LEU A 838 -21.66 -33.07 14.98
CA LEU A 838 -22.06 -31.78 15.55
C LEU A 838 -21.17 -30.70 14.95
N TYR A 839 -21.72 -29.51 14.80
CA TYR A 839 -20.99 -28.37 14.26
C TYR A 839 -21.31 -27.12 15.05
N ILE A 840 -20.30 -26.29 15.28
CA ILE A 840 -20.42 -25.05 16.04
C ILE A 840 -19.92 -23.91 15.17
N LEU A 841 -20.68 -22.83 15.11
CA LEU A 841 -20.34 -21.66 14.31
C LEU A 841 -20.07 -20.49 15.25
N VAL A 842 -18.88 -19.90 15.14
CA VAL A 842 -18.46 -18.81 16.01
C VAL A 842 -18.03 -17.63 15.16
N SER A 843 -18.34 -16.42 15.62
CA SER A 843 -18.03 -15.19 14.92
C SER A 843 -17.28 -14.25 15.85
N HIS A 844 -16.91 -13.08 15.32
CA HIS A 844 -16.16 -12.10 16.10
C HIS A 844 -16.98 -11.49 17.24
N THR A 845 -18.30 -11.50 17.13
CA THR A 845 -19.17 -10.94 18.15
C THR A 845 -19.69 -12.00 19.12
N SER A 846 -19.13 -13.20 19.08
CA SER A 846 -19.56 -14.26 19.98
C SER A 846 -19.25 -13.90 21.43
N GLY A 847 -20.12 -14.36 22.33
CA GLY A 847 -19.99 -14.06 23.74
C GLY A 847 -19.03 -15.01 24.46
N SER A 848 -19.00 -14.85 25.78
CA SER A 848 -18.08 -15.65 26.58
C SER A 848 -18.56 -17.09 26.72
N ALA A 849 -19.87 -17.30 26.86
CA ALA A 849 -20.38 -18.65 27.03
C ALA A 849 -20.10 -19.51 25.80
N ALA A 850 -20.29 -18.95 24.61
CA ALA A 850 -19.99 -19.68 23.39
C ALA A 850 -18.51 -20.01 23.29
N GLU A 851 -17.64 -19.14 23.80
CA GLU A 851 -16.22 -19.44 23.82
C GLU A 851 -15.93 -20.67 24.67
N ALA A 852 -16.54 -20.75 25.85
CA ALA A 852 -16.34 -21.91 26.72
C ALA A 852 -16.89 -23.18 26.08
N PHE A 853 -18.07 -23.08 25.45
CA PHE A 853 -18.65 -24.23 24.76
C PHE A 853 -17.73 -24.71 23.64
N ALA A 854 -17.21 -23.78 22.85
CA ALA A 854 -16.34 -24.15 21.74
C ALA A 854 -15.04 -24.78 22.25
N HIS A 855 -14.45 -24.22 23.32
CA HIS A 855 -13.24 -24.81 23.87
C HIS A 855 -13.49 -26.21 24.40
N THR A 856 -14.59 -26.41 25.13
CA THR A 856 -14.85 -27.71 25.72
C THR A 856 -15.32 -28.75 24.71
N MET A 857 -15.81 -28.32 23.55
CA MET A 857 -16.07 -29.28 22.47
C MET A 857 -14.84 -29.56 21.63
N GLN A 858 -13.94 -28.58 21.48
CA GLN A 858 -12.74 -28.79 20.69
C GLN A 858 -11.73 -29.66 21.45
N ASP A 859 -11.58 -29.43 22.75
CA ASP A 859 -10.60 -30.18 23.53
C ASP A 859 -10.95 -31.67 23.56
N LEU A 860 -12.22 -32.00 23.74
CA LEU A 860 -12.65 -33.39 23.79
C LEU A 860 -12.84 -34.00 22.41
N GLN A 861 -12.65 -33.22 21.35
CA GLN A 861 -12.79 -33.68 19.96
C GLN A 861 -14.19 -34.25 19.72
N ARG A 862 -15.18 -33.37 19.87
CA ARG A 862 -16.57 -33.72 19.63
C ARG A 862 -17.21 -32.93 18.50
N ALA A 863 -16.69 -31.76 18.17
CA ALA A 863 -17.31 -30.92 17.14
C ALA A 863 -16.29 -30.50 16.09
N THR A 864 -16.71 -29.60 15.20
CA THR A 864 -15.84 -29.05 14.16
C THR A 864 -16.16 -27.56 14.05
N ILE A 865 -15.41 -26.73 14.77
CA ILE A 865 -15.69 -25.31 14.83
C ILE A 865 -15.40 -24.68 13.48
N ILE A 866 -16.39 -23.95 12.94
CA ILE A 866 -16.29 -23.28 11.65
C ILE A 866 -16.61 -21.81 11.86
N GLY A 867 -15.72 -20.94 11.42
CA GLY A 867 -15.95 -19.51 11.53
C GLY A 867 -14.63 -18.77 11.62
N GLU A 868 -14.72 -17.55 12.14
CA GLU A 868 -13.55 -16.71 12.32
C GLU A 868 -13.16 -16.64 13.80
N PRO A 869 -11.88 -16.39 14.10
CA PRO A 869 -11.46 -16.32 15.51
C PRO A 869 -12.19 -15.22 16.26
N THR A 870 -12.51 -15.49 17.53
CA THR A 870 -13.18 -14.55 18.40
C THR A 870 -12.22 -14.12 19.51
N ALA A 871 -12.20 -12.83 19.80
CA ALA A 871 -11.25 -12.26 20.76
C ALA A 871 -11.93 -12.01 22.09
N GLY A 872 -11.29 -12.46 23.17
CA GLY A 872 -11.77 -12.19 24.51
C GLY A 872 -12.48 -13.34 25.18
N GLY A 873 -11.80 -14.02 26.10
CA GLY A 873 -12.43 -15.09 26.83
C GLY A 873 -13.33 -14.60 27.94
N ALA A 874 -12.74 -13.97 28.96
CA ALA A 874 -13.47 -13.33 30.06
C ALA A 874 -14.51 -14.29 30.65
N LEU A 875 -14.02 -15.37 31.24
CA LEU A 875 -14.91 -16.40 31.75
C LEU A 875 -15.83 -15.85 32.84
N SER A 876 -15.27 -15.08 33.77
CA SER A 876 -16.08 -14.47 34.83
C SER A 876 -15.31 -13.25 35.34
N VAL A 877 -15.85 -12.06 35.08
CA VAL A 877 -15.18 -10.81 35.42
C VAL A 877 -15.98 -10.10 36.50
N GLY A 878 -15.26 -9.54 37.47
CA GLY A 878 -15.88 -8.78 38.54
C GLY A 878 -15.20 -7.45 38.77
N ILE A 879 -15.94 -6.35 38.65
CA ILE A 879 -15.37 -5.03 38.80
C ILE A 879 -15.15 -4.74 40.27
N TYR A 880 -13.95 -4.29 40.62
CA TYR A 880 -13.58 -3.95 41.98
C TYR A 880 -13.15 -2.49 42.03
N GLN A 881 -13.44 -1.84 43.16
CA GLN A 881 -13.11 -0.43 43.34
C GLN A 881 -11.87 -0.29 44.21
N VAL A 882 -10.94 0.55 43.77
CA VAL A 882 -9.76 0.90 44.55
C VAL A 882 -10.21 1.76 45.73
N GLY A 883 -9.30 2.00 46.68
CA GLY A 883 -9.67 2.79 47.85
C GLY A 883 -10.23 4.15 47.51
N SER A 884 -9.77 4.73 46.41
CA SER A 884 -10.33 5.99 45.93
C SER A 884 -11.58 5.73 45.08
N SER A 885 -12.56 6.61 45.22
CA SER A 885 -13.84 6.40 44.54
C SER A 885 -13.76 6.40 43.02
N PRO A 886 -13.13 7.39 42.37
CA PRO A 886 -13.32 7.53 40.91
C PRO A 886 -12.79 6.37 40.07
N LEU A 887 -11.88 5.56 40.59
CA LEU A 887 -11.24 4.53 39.78
C LEU A 887 -11.80 3.15 40.11
N TYR A 888 -12.14 2.39 39.06
CA TYR A 888 -12.61 1.03 39.18
C TYR A 888 -11.77 0.13 38.28
N ALA A 889 -11.52 -1.09 38.74
CA ALA A 889 -10.69 -2.05 38.02
C ALA A 889 -11.52 -3.25 37.62
N SER A 890 -11.44 -3.64 36.35
CA SER A 890 -12.15 -4.80 35.82
C SER A 890 -11.11 -5.85 35.46
N MET A 891 -11.12 -6.97 36.18
CA MET A 891 -10.12 -8.01 36.01
C MET A 891 -10.76 -9.39 36.09
N PRO A 892 -10.24 -10.35 35.33
CA PRO A 892 -10.82 -11.70 35.31
C PRO A 892 -10.46 -12.47 36.57
N THR A 893 -11.45 -12.68 37.43
CA THR A 893 -11.28 -13.41 38.68
C THR A 893 -11.47 -14.91 38.52
N GLN A 894 -11.33 -15.43 37.31
CA GLN A 894 -11.58 -16.85 37.06
C GLN A 894 -10.70 -17.30 35.91
N MET A 895 -10.41 -18.60 35.88
CA MET A 895 -9.63 -19.19 34.80
C MET A 895 -9.94 -20.67 34.72
N ALA A 896 -9.88 -21.21 33.51
CA ALA A 896 -10.22 -22.61 33.25
C ALA A 896 -9.01 -23.34 32.68
N LEU A 897 -8.80 -24.58 33.13
CA LEU A 897 -7.72 -25.42 32.66
C LEU A 897 -8.30 -26.60 31.89
N SER A 898 -7.62 -26.98 30.80
CA SER A 898 -8.13 -28.01 29.92
C SER A 898 -8.08 -29.38 30.60
N ALA A 899 -8.91 -30.30 30.09
CA ALA A 899 -8.94 -31.65 30.65
C ALA A 899 -7.72 -32.45 30.22
N SER A 900 -7.31 -32.34 28.96
CA SER A 900 -6.19 -33.13 28.46
C SER A 900 -4.89 -32.72 29.13
N THR A 901 -4.65 -31.42 29.27
CA THR A 901 -3.43 -30.91 29.87
C THR A 901 -3.77 -29.76 30.80
N GLY A 902 -2.87 -29.51 31.77
CA GLY A 902 -3.09 -28.51 32.78
C GLY A 902 -2.90 -27.07 32.32
N GLU A 903 -2.54 -26.85 31.07
CA GLU A 903 -2.35 -25.50 30.57
C GLU A 903 -3.69 -24.74 30.54
N ALA A 904 -3.60 -23.44 30.71
CA ALA A 904 -4.79 -22.59 30.61
C ALA A 904 -5.25 -22.50 29.17
N TRP A 905 -6.43 -21.91 28.99
CA TRP A 905 -6.99 -21.76 27.64
C TRP A 905 -6.18 -20.73 26.86
N ASP A 906 -6.53 -20.57 25.59
CA ASP A 906 -5.71 -19.79 24.67
C ASP A 906 -5.65 -18.31 25.05
N LEU A 907 -6.54 -17.85 25.91
CA LEU A 907 -6.53 -16.48 26.45
C LEU A 907 -6.86 -15.46 25.37
N ALA A 908 -7.02 -15.92 24.12
CA ALA A 908 -7.36 -15.04 23.02
C ALA A 908 -8.56 -15.52 22.21
N GLY A 909 -9.11 -16.69 22.52
CA GLY A 909 -10.27 -17.21 21.82
C GLY A 909 -9.95 -18.50 21.07
N VAL A 910 -11.01 -19.07 20.50
CA VAL A 910 -10.86 -20.31 19.76
C VAL A 910 -10.17 -20.05 18.43
N GLU A 911 -9.57 -21.11 17.89
CA GLU A 911 -9.01 -21.09 16.54
C GLU A 911 -9.81 -22.07 15.69
N PRO A 912 -10.77 -21.59 14.89
CA PRO A 912 -11.63 -22.51 14.14
C PRO A 912 -10.82 -23.34 13.13
N ASP A 913 -11.27 -24.58 12.93
CA ASP A 913 -10.61 -25.44 11.96
C ASP A 913 -10.79 -24.90 10.54
N ILE A 914 -11.94 -24.30 10.26
CA ILE A 914 -12.22 -23.68 8.96
C ILE A 914 -12.41 -22.19 9.20
N THR A 915 -11.60 -21.37 8.54
CA THR A 915 -11.61 -19.92 8.73
C THR A 915 -12.33 -19.29 7.55
N VAL A 916 -13.62 -18.99 7.74
CA VAL A 916 -14.44 -18.34 6.73
C VAL A 916 -15.17 -17.18 7.38
N PRO A 917 -15.55 -16.18 6.59
CA PRO A 917 -16.37 -15.08 7.14
C PRO A 917 -17.70 -15.61 7.66
N MET A 918 -18.20 -14.95 8.71
CA MET A 918 -19.38 -15.43 9.42
C MET A 918 -20.62 -15.49 8.53
N SER A 919 -20.66 -14.70 7.44
CA SER A 919 -21.82 -14.72 6.57
C SER A 919 -21.90 -16.02 5.75
N VAL A 920 -20.75 -16.59 5.39
CA VAL A 920 -20.69 -17.76 4.52
C VAL A 920 -20.50 -19.04 5.32
N ALA A 921 -20.58 -18.98 6.64
CA ALA A 921 -20.29 -20.14 7.48
C ALA A 921 -21.27 -21.27 7.24
N LEU A 922 -22.56 -20.95 7.11
CA LEU A 922 -23.57 -22.00 6.97
C LEU A 922 -23.38 -22.80 5.69
N SER A 923 -23.04 -22.12 4.59
CA SER A 923 -22.78 -22.84 3.34
C SER A 923 -21.57 -23.74 3.47
N THR A 924 -20.53 -23.27 4.18
CA THR A 924 -19.37 -24.12 4.40
C THR A 924 -19.73 -25.35 5.23
N ALA A 925 -20.60 -25.19 6.23
CA ALA A 925 -21.04 -26.34 7.01
C ALA A 925 -21.82 -27.32 6.15
N ARG A 926 -22.67 -26.80 5.27
CA ARG A 926 -23.41 -27.67 4.35
C ARG A 926 -22.45 -28.44 3.44
N ASP A 927 -21.42 -27.75 2.93
CA ASP A 927 -20.44 -28.43 2.10
C ASP A 927 -19.69 -29.50 2.88
N ILE A 928 -19.35 -29.21 4.14
CA ILE A 928 -18.63 -30.17 4.97
C ILE A 928 -19.47 -31.41 5.18
N VAL A 929 -20.75 -31.24 5.53
CA VAL A 929 -21.59 -32.40 5.80
C VAL A 929 -21.85 -33.18 4.52
N ALA A 930 -21.98 -32.48 3.38
CA ALA A 930 -22.13 -33.19 2.11
C ALA A 930 -20.90 -34.02 1.78
N LEU A 931 -19.71 -33.45 1.98
CA LEU A 931 -18.48 -34.20 1.73
C LEU A 931 -18.37 -35.40 2.66
N ARG A 932 -18.72 -35.22 3.94
CA ARG A 932 -18.68 -36.32 4.89
C ARG A 932 -19.62 -37.44 4.47
N ALA A 933 -20.82 -37.08 3.99
CA ALA A 933 -21.74 -38.08 3.47
C ALA A 933 -21.16 -38.78 2.25
N LYS A 934 -20.48 -38.04 1.39
CA LYS A 934 -19.90 -38.59 0.17
C LYS A 934 -18.65 -39.42 0.40
N VAL A 935 -18.05 -39.35 1.60
CA VAL A 935 -16.77 -40.04 1.83
C VAL A 935 -16.84 -41.54 1.56
N PRO A 936 -17.80 -42.31 2.13
CA PRO A 936 -17.74 -43.77 1.92
C PRO A 936 -17.83 -44.20 0.46
N THR A 937 -18.65 -43.52 -0.34
CA THR A 937 -18.75 -43.87 -1.75
C THR A 937 -17.43 -43.60 -2.48
N VAL A 938 -16.76 -42.49 -2.15
CA VAL A 938 -15.47 -42.18 -2.76
C VAL A 938 -14.47 -43.26 -2.44
N LEU A 939 -14.42 -43.70 -1.17
CA LEU A 939 -13.51 -44.78 -0.80
C LEU A 939 -13.83 -46.06 -1.56
N GLN A 940 -15.12 -46.40 -1.66
CA GLN A 940 -15.50 -47.64 -2.32
C GLN A 940 -15.10 -47.63 -3.79
N THR A 941 -15.39 -46.53 -4.49
CA THR A 941 -15.06 -46.47 -5.91
C THR A 941 -13.55 -46.37 -6.14
N ALA A 942 -12.82 -45.69 -5.24
CA ALA A 942 -11.37 -45.65 -5.37
C ALA A 942 -10.76 -47.03 -5.18
N GLY A 943 -11.25 -47.78 -4.19
CA GLY A 943 -10.78 -49.15 -4.02
C GLY A 943 -11.10 -50.03 -5.21
N LYS A 944 -12.31 -49.90 -5.75
CA LYS A 944 -12.68 -50.68 -6.93
C LYS A 944 -11.79 -50.33 -8.12
N LEU A 945 -11.51 -49.04 -8.32
CA LEU A 945 -10.65 -48.63 -9.43
C LEU A 945 -9.23 -49.14 -9.25
N VAL A 946 -8.70 -49.08 -8.04
CA VAL A 946 -7.35 -49.56 -7.79
C VAL A 946 -7.28 -51.07 -8.01
N ALA A 947 -8.29 -51.81 -7.56
CA ALA A 947 -8.32 -53.25 -7.82
C ALA A 947 -8.41 -53.54 -9.31
N ASP A 948 -9.19 -52.74 -10.04
CA ASP A 948 -9.34 -52.96 -11.48
C ASP A 948 -8.03 -52.73 -12.21
N ASN A 949 -7.44 -51.55 -12.04
CA ASN A 949 -6.22 -51.18 -12.74
C ASN A 949 -5.09 -51.00 -11.74
N TYR A 950 -4.00 -51.74 -11.95
CA TYR A 950 -2.76 -51.62 -11.17
C TYR A 950 -1.73 -52.54 -11.80
N ALA A 951 -0.47 -52.33 -11.41
CA ALA A 951 0.60 -53.17 -11.94
C ALA A 951 0.43 -54.62 -11.53
N SER A 952 0.11 -54.87 -10.26
CA SER A 952 -0.09 -56.22 -9.75
C SER A 952 -1.56 -56.43 -9.42
N PRO A 953 -2.27 -57.31 -10.14
CA PRO A 953 -3.70 -57.52 -9.83
C PRO A 953 -3.95 -57.98 -8.42
N GLU A 954 -3.15 -58.92 -7.92
CA GLU A 954 -3.33 -59.41 -6.56
C GLU A 954 -3.08 -58.30 -5.54
N MET A 955 -2.04 -57.50 -5.76
CA MET A 955 -1.76 -56.40 -4.85
C MET A 955 -2.88 -55.37 -4.87
N GLY A 956 -3.43 -55.09 -6.06
CA GLY A 956 -4.56 -54.18 -6.14
C GLY A 956 -5.79 -54.72 -5.42
N ALA A 957 -6.04 -56.03 -5.54
CA ALA A 957 -7.14 -56.64 -4.81
C ALA A 957 -6.92 -56.53 -3.31
N LYS A 958 -5.68 -56.73 -2.86
CA LYS A 958 -5.36 -56.57 -1.44
C LYS A 958 -5.59 -55.13 -0.98
N ILE A 959 -5.23 -54.16 -1.82
CA ILE A 959 -5.48 -52.75 -1.49
C ILE A 959 -6.97 -52.50 -1.36
N ALA A 960 -7.76 -53.02 -2.31
CA ALA A 960 -9.20 -52.83 -2.26
C ALA A 960 -9.80 -53.46 -1.00
N VAL A 961 -9.32 -54.65 -0.63
CA VAL A 961 -9.82 -55.32 0.58
C VAL A 961 -9.48 -54.50 1.81
N LYS A 962 -8.23 -54.03 1.90
CA LYS A 962 -7.78 -53.33 3.09
C LYS A 962 -8.29 -51.89 3.15
N LEU A 963 -8.52 -51.27 2.00
CA LEU A 963 -8.97 -49.88 1.99
C LEU A 963 -10.36 -49.73 2.60
N SER A 964 -11.19 -50.78 2.53
CA SER A 964 -12.53 -50.73 3.10
C SER A 964 -12.53 -50.68 4.61
N ARG A 965 -11.40 -50.93 5.26
CA ARG A 965 -11.32 -50.94 6.71
C ARG A 965 -10.90 -49.60 7.31
N LEU A 966 -10.73 -48.57 6.47
CA LEU A 966 -10.35 -47.24 6.94
C LEU A 966 -11.55 -46.31 7.03
N GLN A 967 -12.76 -46.85 7.17
CA GLN A 967 -13.95 -46.01 7.22
C GLN A 967 -13.97 -45.11 8.45
N SER A 968 -13.55 -45.65 9.60
CA SER A 968 -13.59 -44.87 10.83
C SER A 968 -12.64 -43.67 10.77
N ARG A 969 -11.45 -43.85 10.21
CA ARG A 969 -10.48 -42.78 10.13
C ARG A 969 -10.94 -41.65 9.21
N TYR A 970 -11.68 -41.96 8.16
CA TYR A 970 -12.09 -40.97 7.17
C TYR A 970 -13.40 -40.28 7.53
N ALA A 971 -14.02 -40.64 8.64
CA ALA A 971 -15.31 -40.07 9.01
C ALA A 971 -15.19 -38.68 9.63
N ARG A 972 -13.98 -38.22 9.93
CA ARG A 972 -13.75 -36.93 10.57
C ARG A 972 -12.85 -36.05 9.71
N VAL A 973 -13.08 -36.04 8.39
CA VAL A 973 -12.28 -35.21 7.50
C VAL A 973 -12.61 -33.75 7.75
N THR A 974 -11.58 -32.92 7.83
CA THR A 974 -11.77 -31.51 8.16
C THR A 974 -12.52 -30.78 7.06
N SER A 975 -12.06 -30.91 5.83
CA SER A 975 -12.65 -30.22 4.68
C SER A 975 -12.11 -30.86 3.41
N GLU A 976 -12.42 -30.24 2.28
CA GLU A 976 -11.92 -30.70 0.99
C GLU A 976 -10.44 -30.37 0.86
N ALA A 977 -9.76 -31.12 -0.02
CA ALA A 977 -8.35 -31.02 -0.36
C ALA A 977 -7.44 -31.55 0.73
N SER A 978 -7.96 -31.89 1.91
CA SER A 978 -7.23 -32.68 2.88
C SER A 978 -7.54 -34.16 2.77
N LEU A 979 -8.77 -34.50 2.37
CA LEU A 979 -9.10 -35.87 2.06
C LEU A 979 -8.19 -36.40 0.95
N ALA A 980 -7.89 -35.57 -0.05
CA ALA A 980 -7.03 -36.01 -1.14
C ALA A 980 -5.63 -36.34 -0.64
N GLU A 981 -5.04 -35.46 0.16
CA GLU A 981 -3.68 -35.71 0.64
C GLU A 981 -3.62 -36.89 1.59
N MET A 982 -4.63 -37.04 2.46
CA MET A 982 -4.64 -38.18 3.38
C MET A 982 -4.90 -39.48 2.64
N LEU A 983 -5.72 -39.46 1.59
CA LEU A 983 -5.90 -40.64 0.76
C LEU A 983 -4.60 -41.00 0.03
N GLU A 984 -3.88 -39.99 -0.45
CA GLU A 984 -2.58 -40.25 -1.07
C GLU A 984 -1.63 -40.90 -0.08
N ALA A 985 -1.58 -40.39 1.15
CA ALA A 985 -0.72 -40.97 2.17
C ALA A 985 -1.12 -42.41 2.48
N ASP A 986 -2.42 -42.67 2.60
CA ASP A 986 -2.89 -44.02 2.88
C ASP A 986 -2.53 -44.98 1.75
N LEU A 987 -2.72 -44.55 0.50
CA LEU A 987 -2.37 -45.40 -0.64
C LEU A 987 -0.86 -45.65 -0.69
N GLN A 988 -0.06 -44.64 -0.40
CA GLN A 988 1.39 -44.80 -0.45
C GLN A 988 1.92 -45.66 0.69
N LEU A 989 1.23 -45.69 1.83
CA LEU A 989 1.63 -46.63 2.86
C LEU A 989 1.13 -48.04 2.56
N LEU A 990 -0.04 -48.16 1.90
CA LEU A 990 -0.53 -49.47 1.51
C LEU A 990 0.37 -50.12 0.46
N SER A 991 0.81 -49.36 -0.54
CA SER A 991 1.61 -49.87 -1.62
C SER A 991 2.99 -49.21 -1.60
N GLY A 992 4.04 -50.03 -1.71
CA GLY A 992 5.39 -49.50 -1.68
C GLY A 992 5.71 -48.57 -2.82
N ASP A 993 4.92 -48.59 -3.87
CA ASP A 993 5.12 -47.70 -5.01
C ASP A 993 4.79 -46.26 -4.58
N PRO A 994 5.73 -45.32 -4.68
CA PRO A 994 5.41 -43.94 -4.31
C PRO A 994 4.80 -43.15 -5.45
N HIS A 995 4.34 -43.85 -6.48
CA HIS A 995 3.78 -43.22 -7.67
C HIS A 995 2.27 -43.01 -7.60
N LEU A 996 1.63 -43.41 -6.51
CA LEU A 996 0.19 -43.24 -6.36
C LEU A 996 -0.08 -41.85 -5.79
N LYS A 997 -0.33 -40.89 -6.68
CA LYS A 997 -0.63 -39.53 -6.28
C LYS A 997 -2.11 -39.23 -6.46
N THR A 998 -2.62 -38.32 -5.63
CA THR A 998 -3.95 -37.76 -5.77
C THR A 998 -3.84 -36.24 -5.76
N ALA A 999 -4.76 -35.58 -6.45
CA ALA A 999 -4.70 -34.13 -6.60
C ALA A 999 -6.10 -33.56 -6.66
N HIS A 1000 -6.19 -32.25 -6.41
CA HIS A 1000 -7.44 -31.51 -6.43
C HIS A 1000 -7.31 -30.28 -7.30
N ILE A 1001 -8.40 -29.92 -7.97
CA ILE A 1001 -8.44 -28.73 -8.81
C ILE A 1001 -9.21 -27.62 -8.13
N PHE A 1031 17.70 -33.06 -29.80
CA PHE A 1031 18.61 -33.95 -30.52
C PHE A 1031 19.95 -33.27 -30.76
N HIS A 1032 21.01 -33.79 -30.14
CA HIS A 1032 22.35 -33.25 -30.27
C HIS A 1032 23.30 -34.36 -30.70
N THR A 1033 24.29 -33.99 -31.52
CA THR A 1033 25.26 -34.94 -32.03
C THR A 1033 26.64 -34.29 -32.03
N ASN A 1034 27.64 -35.05 -31.59
CA ASN A 1034 29.01 -34.55 -31.53
C ASN A 1034 29.96 -35.74 -31.66
N VAL A 1035 31.20 -35.44 -32.03
CA VAL A 1035 32.26 -36.42 -32.14
C VAL A 1035 33.38 -36.02 -31.18
N LEU A 1036 33.75 -36.95 -30.29
CA LEU A 1036 34.79 -36.69 -29.31
C LEU A 1036 36.16 -37.01 -29.90
N GLU A 1037 37.20 -36.73 -29.12
CA GLU A 1037 38.56 -36.99 -29.57
C GLU A 1037 38.83 -38.49 -29.62
N GLY A 1038 39.85 -38.86 -30.38
CA GLY A 1038 40.19 -40.26 -30.55
C GLY A 1038 39.15 -41.07 -31.29
N ASN A 1039 38.46 -40.45 -32.25
CA ASN A 1039 37.47 -41.12 -33.09
C ASN A 1039 36.36 -41.75 -32.25
N ILE A 1040 35.71 -40.92 -31.44
CA ILE A 1040 34.64 -41.33 -30.55
C ILE A 1040 33.43 -40.46 -30.82
N GLY A 1041 32.28 -41.11 -31.04
CA GLY A 1041 31.03 -40.39 -31.24
C GLY A 1041 30.33 -40.07 -29.95
N TYR A 1042 29.39 -39.13 -30.03
CA TYR A 1042 28.61 -38.70 -28.87
C TYR A 1042 27.17 -38.50 -29.28
N LEU A 1043 26.27 -38.75 -28.33
CA LEU A 1043 24.84 -38.56 -28.55
C LEU A 1043 24.21 -38.11 -27.24
N ARG A 1044 23.22 -37.23 -27.33
CA ARG A 1044 22.53 -36.72 -26.16
C ARG A 1044 21.14 -36.26 -26.55
N PHE A 1045 20.14 -36.70 -25.78
CA PHE A 1045 18.76 -36.30 -26.00
C PHE A 1045 17.98 -36.60 -24.72
N ASP A 1046 16.98 -35.77 -24.44
CA ASP A 1046 16.23 -35.87 -23.20
C ASP A 1046 14.73 -35.69 -23.36
N MET A 1047 14.22 -35.54 -24.58
CA MET A 1047 12.81 -35.36 -24.82
C MET A 1047 12.27 -36.52 -25.63
N PHE A 1048 11.01 -36.87 -25.38
CA PHE A 1048 10.34 -37.98 -26.05
C PHE A 1048 9.15 -37.47 -26.86
N GLY A 1049 8.90 -38.14 -27.98
CA GLY A 1049 7.73 -37.86 -28.79
C GLY A 1049 7.08 -39.17 -29.22
N ASP A 1050 5.83 -39.04 -29.66
CA ASP A 1050 5.09 -40.20 -30.14
C ASP A 1050 5.72 -40.75 -31.42
N ARG A 1051 5.51 -42.06 -31.64
CA ARG A 1051 6.06 -42.70 -32.83
C ARG A 1051 5.50 -42.06 -34.11
N GLU A 1052 4.22 -41.66 -34.07
CA GLU A 1052 3.66 -40.94 -35.20
C GLU A 1052 4.34 -39.58 -35.38
N LEU A 1053 4.61 -38.89 -34.27
CA LEU A 1053 5.31 -37.61 -34.36
C LEU A 1053 6.72 -37.80 -34.90
N LEU A 1054 7.43 -38.83 -34.45
CA LEU A 1054 8.77 -39.08 -34.95
C LEU A 1054 8.78 -39.62 -36.37
N THR A 1055 7.65 -40.15 -36.84
CA THR A 1055 7.59 -40.69 -38.20
C THR A 1055 7.85 -39.59 -39.24
N GLN A 1056 7.25 -38.43 -39.05
CA GLN A 1056 7.45 -37.33 -40.00
C GLN A 1056 8.88 -36.83 -39.99
N VAL A 1057 9.51 -36.77 -38.82
CA VAL A 1057 10.88 -36.29 -38.68
C VAL A 1057 11.87 -37.44 -38.75
N SER A 1058 11.41 -38.66 -39.04
CA SER A 1058 12.31 -39.80 -39.12
C SER A 1058 13.34 -39.63 -40.22
N GLU A 1059 12.91 -39.11 -41.38
CA GLU A 1059 13.85 -38.88 -42.47
C GLU A 1059 14.89 -37.83 -42.11
N LEU A 1060 14.47 -36.79 -41.36
CA LEU A 1060 15.40 -35.72 -41.01
C LEU A 1060 16.54 -36.22 -40.13
N LEU A 1061 16.24 -37.10 -39.17
CA LEU A 1061 17.27 -37.56 -38.24
C LEU A 1061 18.30 -38.47 -38.89
N VAL A 1062 17.97 -39.09 -40.03
CA VAL A 1062 18.92 -39.99 -40.69
C VAL A 1062 20.16 -39.23 -41.13
N GLU A 1063 19.97 -38.05 -41.73
CA GLU A 1063 21.07 -37.23 -42.18
C GLU A 1063 21.53 -36.22 -41.13
N HIS A 1064 20.99 -36.29 -39.91
CA HIS A 1064 21.30 -35.34 -38.85
C HIS A 1064 22.12 -35.95 -37.72
N VAL A 1065 21.67 -37.05 -37.14
CA VAL A 1065 22.34 -37.62 -35.98
C VAL A 1065 23.15 -38.85 -36.38
N TRP A 1066 22.78 -39.48 -37.50
CA TRP A 1066 23.48 -40.66 -37.96
C TRP A 1066 24.60 -40.35 -38.94
N LYS A 1067 24.56 -39.20 -39.61
CA LYS A 1067 25.62 -38.85 -40.54
C LYS A 1067 26.94 -38.64 -39.82
N LYS A 1068 26.92 -38.03 -38.64
CA LYS A 1068 28.13 -37.75 -37.89
C LYS A 1068 28.65 -38.94 -37.10
N ILE A 1069 27.86 -40.00 -36.96
CA ILE A 1069 28.23 -41.16 -36.15
C ILE A 1069 28.34 -42.44 -36.96
N ILE A 1070 28.14 -42.38 -38.27
CA ILE A 1070 28.24 -43.58 -39.09
C ILE A 1070 29.66 -44.11 -39.12
N HIS A 1071 30.65 -43.22 -39.12
CA HIS A 1071 32.04 -43.60 -39.27
C HIS A 1071 32.80 -43.75 -37.95
N THR A 1072 32.30 -43.16 -36.87
CA THR A 1072 33.04 -43.15 -35.62
C THR A 1072 33.17 -44.55 -35.04
N ASP A 1073 34.28 -44.78 -34.33
CA ASP A 1073 34.54 -46.11 -33.77
C ASP A 1073 33.64 -46.41 -32.58
N ALA A 1074 33.45 -45.42 -31.70
CA ALA A 1074 32.70 -45.62 -30.46
C ALA A 1074 31.62 -44.56 -30.34
N LEU A 1075 30.60 -44.87 -29.55
CA LEU A 1075 29.48 -43.98 -29.32
C LEU A 1075 29.31 -43.75 -27.82
N ILE A 1076 28.83 -42.56 -27.47
CA ILE A 1076 28.50 -42.19 -26.10
C ILE A 1076 27.11 -41.57 -26.10
N ILE A 1077 26.23 -42.10 -25.25
CA ILE A 1077 24.85 -41.65 -25.17
C ILE A 1077 24.57 -41.16 -23.76
N ASP A 1078 23.84 -40.05 -23.66
CA ASP A 1078 23.51 -39.44 -22.37
C ASP A 1078 22.03 -39.14 -22.31
N MET A 1079 21.40 -39.53 -21.19
CA MET A 1079 20.01 -39.20 -20.94
C MET A 1079 19.79 -38.81 -19.48
N ARG A 1080 20.82 -38.26 -18.83
CA ARG A 1080 20.75 -37.93 -17.41
C ARG A 1080 19.69 -36.88 -17.11
N PHE A 1081 19.25 -36.09 -18.10
CA PHE A 1081 18.26 -35.05 -17.91
C PHE A 1081 16.94 -35.38 -18.60
N ASN A 1082 16.62 -36.67 -18.71
CA ASN A 1082 15.43 -37.09 -19.44
C ASN A 1082 14.16 -36.63 -18.72
N ILE A 1083 13.21 -36.11 -19.50
CA ILE A 1083 11.96 -35.60 -18.96
C ILE A 1083 10.87 -36.66 -18.96
N GLY A 1084 10.78 -37.46 -20.02
CA GLY A 1084 9.85 -38.57 -20.08
C GLY A 1084 8.95 -38.49 -21.29
N GLY A 1085 8.16 -39.56 -21.46
CA GLY A 1085 7.24 -39.67 -22.56
C GLY A 1085 6.69 -41.08 -22.72
N PRO A 1086 6.00 -41.33 -23.82
CA PRO A 1086 5.42 -42.66 -24.05
C PRO A 1086 6.50 -43.71 -24.30
N THR A 1087 6.14 -44.96 -24.02
CA THR A 1087 7.05 -46.09 -24.18
C THR A 1087 7.00 -46.71 -25.58
N SER A 1088 6.19 -46.16 -26.49
CA SER A 1088 6.13 -46.71 -27.84
C SER A 1088 7.42 -46.43 -28.62
N SER A 1089 8.12 -45.35 -28.28
CA SER A 1089 9.35 -44.98 -28.98
C SER A 1089 10.51 -45.92 -28.67
N ILE A 1090 10.35 -46.84 -27.72
CA ILE A 1090 11.43 -47.76 -27.36
C ILE A 1090 11.83 -48.61 -28.57
N SER A 1091 10.84 -49.13 -29.30
CA SER A 1091 11.14 -50.01 -30.42
C SER A 1091 11.95 -49.29 -31.49
N ALA A 1092 11.62 -48.02 -31.75
CA ALA A 1092 12.38 -47.25 -32.73
C ALA A 1092 13.84 -47.09 -32.31
N LEU A 1093 14.08 -46.82 -31.03
CA LEU A 1093 15.45 -46.66 -30.55
C LEU A 1093 16.25 -47.96 -30.70
N CYS A 1094 15.65 -49.08 -30.34
CA CYS A 1094 16.34 -50.37 -30.48
C CYS A 1094 16.55 -50.73 -31.95
N SER A 1095 15.53 -50.50 -32.78
CA SER A 1095 15.65 -50.85 -34.19
C SER A 1095 16.71 -50.01 -34.89
N TYR A 1096 16.76 -48.72 -34.59
CA TYR A 1096 17.78 -47.86 -35.19
C TYR A 1096 19.18 -48.28 -34.75
N PHE A 1097 19.36 -48.60 -33.47
CA PHE A 1097 20.66 -49.00 -32.97
C PHE A 1097 21.07 -50.37 -33.52
N PHE A 1098 20.17 -51.35 -33.44
CA PHE A 1098 20.50 -52.70 -33.87
C PHE A 1098 20.59 -52.77 -35.40
N ASP A 1099 21.47 -53.64 -35.87
CA ASP A 1099 21.59 -53.88 -37.29
C ASP A 1099 20.44 -54.77 -37.78
N GLU A 1100 20.19 -54.71 -39.09
CA GLU A 1100 19.10 -55.47 -39.67
C GLU A 1100 19.36 -56.97 -39.55
N GLY A 1101 18.30 -57.71 -39.23
CA GLY A 1101 18.39 -59.14 -39.05
C GLY A 1101 17.18 -59.72 -38.36
N PRO A 1102 17.27 -60.96 -37.91
CA PRO A 1102 16.15 -61.56 -37.19
C PRO A 1102 15.90 -60.83 -35.89
N PRO A 1103 14.64 -60.75 -35.45
CA PRO A 1103 14.33 -60.00 -34.23
C PRO A 1103 14.83 -60.74 -33.00
N ILE A 1104 15.59 -60.03 -32.16
CA ILE A 1104 16.13 -60.59 -30.94
C ILE A 1104 15.50 -59.98 -29.68
N LEU A 1105 15.00 -58.75 -29.77
CA LEU A 1105 14.40 -58.09 -28.60
C LEU A 1105 13.25 -58.91 -28.04
N LEU A 1106 13.23 -59.05 -26.73
CA LEU A 1106 12.22 -59.85 -26.04
C LEU A 1106 11.83 -59.15 -24.75
N ASP A 1107 10.57 -58.72 -24.66
CA ASP A 1107 10.04 -58.07 -23.46
C ASP A 1107 8.56 -58.38 -23.35
N LYS A 1108 8.16 -58.98 -22.24
CA LYS A 1108 6.77 -59.27 -21.95
C LYS A 1108 6.29 -58.38 -20.81
N ILE A 1109 5.22 -57.62 -21.06
CA ILE A 1109 4.71 -56.64 -20.11
C ILE A 1109 3.23 -56.87 -19.91
N TYR A 1110 2.81 -57.00 -18.66
CA TYR A 1110 1.39 -57.14 -18.33
C TYR A 1110 0.73 -55.78 -18.46
N ASN A 1111 -0.20 -55.65 -19.41
CA ASN A 1111 -0.96 -54.43 -19.60
C ASN A 1111 -2.37 -54.65 -19.05
N ARG A 1112 -2.62 -54.10 -17.86
CA ARG A 1112 -3.92 -54.31 -17.22
C ARG A 1112 -5.08 -53.70 -18.00
N PRO A 1113 -5.00 -52.47 -18.52
CA PRO A 1113 -6.09 -51.99 -19.38
C PRO A 1113 -6.33 -52.87 -20.60
N ASN A 1114 -5.28 -53.49 -21.14
CA ASN A 1114 -5.41 -54.41 -22.25
C ASN A 1114 -5.88 -55.80 -21.80
N ASP A 1115 -5.77 -56.11 -20.50
CA ASP A 1115 -6.15 -57.42 -19.97
C ASP A 1115 -5.37 -58.54 -20.65
N SER A 1116 -4.10 -58.29 -20.96
CA SER A 1116 -3.26 -59.27 -21.63
C SER A 1116 -1.81 -58.86 -21.46
N VAL A 1117 -0.92 -59.60 -22.14
CA VAL A 1117 0.51 -59.34 -22.12
C VAL A 1117 0.98 -59.20 -23.56
N SER A 1118 1.87 -58.23 -23.80
CA SER A 1118 2.34 -57.91 -25.15
C SER A 1118 3.84 -58.10 -25.24
N GLU A 1119 4.29 -58.63 -26.38
CA GLU A 1119 5.70 -58.86 -26.64
C GLU A 1119 6.27 -57.72 -27.46
N LEU A 1120 7.48 -57.26 -27.09
CA LEU A 1120 8.14 -56.17 -27.78
C LEU A 1120 9.06 -56.73 -28.86
N TRP A 1121 8.84 -56.30 -30.10
CA TRP A 1121 9.61 -56.76 -31.25
C TRP A 1121 10.23 -55.57 -31.97
N THR A 1122 11.46 -55.74 -32.43
CA THR A 1122 12.15 -54.66 -33.14
C THR A 1122 11.63 -54.53 -34.57
N HIS A 1123 11.70 -53.30 -35.09
CA HIS A 1123 11.31 -53.06 -36.46
C HIS A 1123 12.31 -53.69 -37.42
N THR A 1124 11.80 -54.31 -38.47
CA THR A 1124 12.64 -54.96 -39.47
C THR A 1124 13.10 -53.95 -40.53
N LYS A 1135 31.04 -52.68 -32.40
CA LYS A 1135 31.39 -51.41 -31.78
C LYS A 1135 31.14 -51.45 -30.27
N SER A 1136 31.11 -50.28 -29.64
CA SER A 1136 30.89 -50.18 -28.21
C SER A 1136 29.99 -48.99 -27.91
N ILE A 1137 29.24 -49.10 -26.81
CA ILE A 1137 28.35 -48.03 -26.38
C ILE A 1137 28.12 -48.18 -24.89
N ILE A 1138 28.11 -47.06 -24.18
CA ILE A 1138 27.95 -47.04 -22.73
C ILE A 1138 26.92 -45.97 -22.37
N ILE A 1139 26.04 -46.29 -21.43
CA ILE A 1139 24.94 -45.43 -21.03
C ILE A 1139 25.39 -44.49 -19.92
N LEU A 1140 24.99 -43.22 -20.04
CA LEU A 1140 25.24 -42.20 -19.03
C LEU A 1140 23.93 -41.86 -18.34
N THR A 1141 23.78 -42.29 -17.10
CA THR A 1141 22.53 -42.13 -16.35
C THR A 1141 22.77 -41.33 -15.07
N SER A 1142 21.66 -40.96 -14.43
CA SER A 1142 21.70 -40.20 -13.19
C SER A 1142 20.34 -40.32 -12.51
N SER A 1143 20.15 -39.59 -11.40
CA SER A 1143 18.89 -39.61 -10.68
C SER A 1143 17.81 -38.82 -11.40
N LEU A 1144 18.19 -37.79 -12.16
CA LEU A 1144 17.20 -36.97 -12.86
C LEU A 1144 16.57 -37.67 -14.03
N THR A 1145 17.04 -38.87 -14.40
CA THR A 1145 16.41 -39.65 -15.45
C THR A 1145 14.97 -39.95 -15.09
N ALA A 1146 14.07 -39.73 -16.04
CA ALA A 1146 12.65 -39.92 -15.80
C ALA A 1146 12.29 -41.40 -15.77
N GLY A 1147 11.05 -41.69 -15.39
CA GLY A 1147 10.58 -43.07 -15.39
C GLY A 1147 10.45 -43.64 -16.79
N ALA A 1148 10.44 -42.79 -17.81
CA ALA A 1148 10.40 -43.24 -19.19
C ALA A 1148 11.78 -43.46 -19.79
N ALA A 1149 12.85 -43.29 -19.02
CA ALA A 1149 14.20 -43.35 -19.58
C ALA A 1149 14.85 -44.71 -19.32
N GLU A 1150 14.77 -45.20 -18.09
CA GLU A 1150 15.63 -46.30 -17.65
C GLU A 1150 15.31 -47.62 -18.34
N GLU A 1151 14.10 -47.79 -18.88
CA GLU A 1151 13.80 -49.04 -19.58
C GLU A 1151 14.67 -49.19 -20.82
N PHE A 1152 15.05 -48.08 -21.44
CA PHE A 1152 16.08 -48.13 -22.48
C PHE A 1152 17.37 -48.70 -21.90
N THR A 1153 17.80 -48.17 -20.75
CA THR A 1153 19.01 -48.67 -20.11
C THR A 1153 18.83 -50.12 -19.66
N TYR A 1154 17.62 -50.46 -19.22
CA TYR A 1154 17.35 -51.81 -18.72
C TYR A 1154 17.57 -52.85 -19.80
N ILE A 1155 16.96 -52.67 -20.97
CA ILE A 1155 17.06 -53.66 -22.03
C ILE A 1155 18.48 -53.75 -22.59
N MET A 1156 19.26 -52.67 -22.52
CA MET A 1156 20.64 -52.74 -22.98
C MET A 1156 21.46 -53.73 -22.16
N LYS A 1157 21.28 -53.74 -20.84
CA LYS A 1157 22.10 -54.57 -19.99
C LYS A 1157 21.69 -56.04 -19.97
N ARG A 1158 20.46 -56.36 -20.40
CA ARG A 1158 20.05 -57.76 -20.43
C ARG A 1158 20.73 -58.52 -21.56
N LEU A 1159 20.83 -57.90 -22.74
CA LEU A 1159 21.43 -58.57 -23.89
C LEU A 1159 22.96 -58.58 -23.84
N GLY A 1160 23.57 -57.76 -22.98
CA GLY A 1160 25.01 -57.71 -22.86
C GLY A 1160 25.71 -56.90 -23.93
N ARG A 1161 24.97 -56.24 -24.82
CA ARG A 1161 25.60 -55.43 -25.86
C ARG A 1161 26.32 -54.23 -25.27
N ALA A 1162 25.73 -53.60 -24.26
CA ALA A 1162 26.25 -52.35 -23.71
C ALA A 1162 26.35 -52.43 -22.20
N LEU A 1163 27.21 -51.60 -21.63
CA LEU A 1163 27.37 -51.46 -20.20
C LEU A 1163 26.90 -50.08 -19.78
N VAL A 1164 26.61 -49.94 -18.48
CA VAL A 1164 26.02 -48.72 -17.94
C VAL A 1164 26.96 -48.10 -16.92
N ILE A 1165 27.13 -46.79 -16.99
CA ILE A 1165 27.92 -46.02 -16.03
C ILE A 1165 27.05 -44.89 -15.49
N GLY A 1166 27.25 -44.55 -14.24
CA GLY A 1166 26.48 -43.50 -13.60
C GLY A 1166 26.19 -43.86 -12.15
N GLU A 1167 25.01 -43.48 -11.70
CA GLU A 1167 24.54 -43.77 -10.35
C GLU A 1167 23.08 -44.19 -10.39
N VAL A 1168 22.50 -44.38 -9.19
CA VAL A 1168 21.18 -44.97 -9.09
C VAL A 1168 20.13 -44.10 -9.77
N THR A 1169 19.22 -44.74 -10.49
CA THR A 1169 18.13 -44.03 -11.16
C THR A 1169 17.10 -43.57 -10.13
N SER A 1170 16.03 -42.95 -10.62
CA SER A 1170 15.00 -42.39 -9.75
C SER A 1170 13.97 -43.42 -9.33
N GLY A 1171 14.04 -44.64 -9.82
CA GLY A 1171 13.03 -45.64 -9.50
C GLY A 1171 11.65 -45.29 -10.01
N GLY A 1172 11.56 -44.78 -11.23
CA GLY A 1172 10.29 -44.36 -11.79
C GLY A 1172 9.38 -45.51 -12.18
N SER A 1173 8.47 -45.25 -13.12
CA SER A 1173 7.50 -46.25 -13.54
C SER A 1173 7.02 -45.90 -14.94
N GLN A 1174 6.11 -46.71 -15.46
CA GLN A 1174 5.46 -46.41 -16.72
C GLN A 1174 4.63 -45.14 -16.59
N PRO A 1175 4.39 -44.44 -17.69
CA PRO A 1175 3.61 -43.20 -17.62
C PRO A 1175 2.23 -43.46 -17.08
N PRO A 1176 1.91 -42.91 -15.90
CA PRO A 1176 0.62 -43.21 -15.27
C PRO A 1176 -0.55 -42.64 -16.08
N GLN A 1177 -1.66 -43.36 -16.02
CA GLN A 1177 -2.90 -42.95 -16.67
C GLN A 1177 -3.83 -42.36 -15.62
N THR A 1178 -4.09 -41.05 -15.72
CA THR A 1178 -4.92 -40.37 -14.74
C THR A 1178 -6.35 -40.88 -14.82
N TYR A 1179 -7.02 -40.87 -13.67
CA TYR A 1179 -8.41 -41.30 -13.57
C TYR A 1179 -9.22 -40.25 -12.82
N HIS A 1180 -10.49 -40.17 -13.14
CA HIS A 1180 -11.41 -39.21 -12.53
C HIS A 1180 -12.45 -39.95 -11.71
N VAL A 1181 -12.56 -39.57 -10.43
CA VAL A 1181 -13.56 -40.13 -9.54
C VAL A 1181 -14.85 -39.34 -9.70
N ASP A 1182 -15.97 -39.93 -9.25
CA ASP A 1182 -17.25 -39.24 -9.32
C ASP A 1182 -17.20 -37.88 -8.65
N ASP A 1183 -16.50 -37.78 -7.53
CA ASP A 1183 -16.23 -36.47 -6.93
C ASP A 1183 -15.25 -35.71 -7.81
N THR A 1184 -15.53 -34.42 -8.01
CA THR A 1184 -14.72 -33.60 -8.89
C THR A 1184 -13.34 -33.29 -8.32
N ASN A 1185 -13.08 -33.61 -7.06
CA ASN A 1185 -11.88 -33.19 -6.37
C ASN A 1185 -10.77 -34.23 -6.39
N LEU A 1186 -11.00 -35.41 -6.97
CA LEU A 1186 -10.05 -36.51 -6.90
C LEU A 1186 -9.57 -36.90 -8.29
N TYR A 1187 -8.27 -36.82 -8.51
CA TYR A 1187 -7.60 -37.34 -9.71
C TYR A 1187 -6.58 -38.37 -9.24
N ILE A 1188 -6.92 -39.65 -9.39
CA ILE A 1188 -6.05 -40.73 -8.96
C ILE A 1188 -5.19 -41.16 -10.14
N THR A 1189 -3.88 -41.23 -9.92
CA THR A 1189 -2.93 -41.68 -10.93
C THR A 1189 -2.56 -43.13 -10.64
N ILE A 1190 -2.73 -43.99 -11.65
CA ILE A 1190 -2.55 -45.43 -11.47
C ILE A 1190 -1.39 -45.93 -12.33
N PRO A 1191 -0.26 -46.30 -11.74
CA PRO A 1191 0.79 -46.96 -12.52
C PRO A 1191 0.32 -48.32 -13.01
N THR A 1192 0.86 -48.73 -14.16
CA THR A 1192 0.50 -50.00 -14.77
C THR A 1192 1.63 -50.43 -15.69
N ALA A 1193 1.39 -51.48 -16.47
CA ALA A 1193 2.34 -51.99 -17.45
C ALA A 1193 3.67 -52.37 -16.79
N ARG A 1194 3.58 -53.07 -15.67
CA ARG A 1194 4.78 -53.52 -14.97
C ARG A 1194 5.56 -54.49 -15.86
N SER A 1195 6.88 -54.29 -15.91
CA SER A 1195 7.75 -55.17 -16.69
C SER A 1195 7.93 -56.48 -15.94
N VAL A 1196 7.39 -57.56 -16.48
CA VAL A 1196 7.44 -58.87 -15.83
C VAL A 1196 8.17 -59.92 -16.66
N GLY A 1197 8.38 -59.69 -17.96
CA GLY A 1197 8.98 -60.69 -18.83
C GLY A 1197 10.39 -61.09 -18.45
N ALA A 1198 11.05 -60.34 -17.57
CA ALA A 1198 12.37 -60.72 -17.10
C ALA A 1198 12.31 -62.07 -16.39
N ALA A 1199 13.34 -62.89 -16.61
CA ALA A 1199 13.33 -64.24 -16.05
C ALA A 1199 13.39 -64.22 -14.52
N ASP A 1200 14.16 -63.30 -13.95
CA ASP A 1200 14.30 -63.26 -12.50
C ASP A 1200 12.99 -62.93 -11.81
N GLY A 1201 12.16 -62.08 -12.41
CA GLY A 1201 10.92 -61.67 -11.81
C GLY A 1201 11.02 -60.54 -10.82
N SER A 1202 12.22 -60.03 -10.56
CA SER A 1202 12.44 -58.89 -9.67
C SER A 1202 12.51 -57.64 -10.53
N SER A 1203 11.44 -56.85 -10.51
CA SER A 1203 11.36 -55.68 -11.36
C SER A 1203 12.28 -54.57 -10.85
N TRP A 1204 12.70 -53.71 -11.77
CA TRP A 1204 13.46 -52.52 -11.43
C TRP A 1204 12.60 -51.45 -10.74
N GLU A 1205 11.28 -51.64 -10.71
CA GLU A 1205 10.38 -50.61 -10.23
C GLU A 1205 10.64 -50.26 -8.77
N GLY A 1206 10.55 -48.97 -8.46
CA GLY A 1206 10.75 -48.50 -7.11
C GLY A 1206 12.22 -48.47 -6.71
N VAL A 1207 12.88 -49.62 -6.78
CA VAL A 1207 14.29 -49.70 -6.40
C VAL A 1207 15.15 -48.93 -7.38
N GLY A 1208 14.81 -48.97 -8.66
CA GLY A 1208 15.60 -48.30 -9.68
C GLY A 1208 16.69 -49.18 -10.25
N VAL A 1209 17.56 -48.55 -11.03
CA VAL A 1209 18.66 -49.23 -11.70
C VAL A 1209 19.97 -48.66 -11.18
N VAL A 1210 20.86 -49.55 -10.75
CA VAL A 1210 22.17 -49.19 -10.20
C VAL A 1210 23.24 -49.63 -11.19
N PRO A 1211 24.08 -48.72 -11.68
CA PRO A 1211 25.14 -49.10 -12.60
C PRO A 1211 26.27 -49.83 -11.88
N ASP A 1212 27.28 -50.22 -12.65
CA ASP A 1212 28.39 -50.99 -12.10
C ASP A 1212 29.29 -50.12 -11.23
N VAL A 1213 29.63 -48.93 -11.70
CA VAL A 1213 30.54 -48.03 -11.00
C VAL A 1213 29.83 -46.71 -10.77
N ALA A 1214 29.89 -46.20 -9.54
CA ALA A 1214 29.18 -44.99 -9.15
C ALA A 1214 30.08 -43.78 -9.37
N VAL A 1215 29.62 -42.84 -10.20
CA VAL A 1215 30.35 -41.60 -10.43
C VAL A 1215 29.37 -40.44 -10.44
N PRO A 1216 29.85 -39.24 -10.08
CA PRO A 1216 28.98 -38.07 -10.11
C PRO A 1216 28.53 -37.74 -11.53
N ALA A 1217 27.35 -37.12 -11.63
CA ALA A 1217 26.77 -36.83 -12.94
C ALA A 1217 27.66 -35.90 -13.76
N GLU A 1218 28.21 -34.85 -13.14
CA GLU A 1218 29.10 -33.97 -13.86
C GLU A 1218 30.40 -34.67 -14.24
N GLY A 1219 30.89 -35.56 -13.38
CA GLY A 1219 32.07 -36.33 -13.70
C GLY A 1219 31.82 -37.55 -14.55
N ALA A 1220 30.55 -37.98 -14.67
CA ALA A 1220 30.22 -39.14 -15.48
C ALA A 1220 30.54 -38.88 -16.95
N LEU A 1221 30.22 -37.69 -17.45
CA LEU A 1221 30.53 -37.36 -18.84
C LEU A 1221 32.03 -37.34 -19.07
N ALA A 1222 32.79 -36.80 -18.13
CA ALA A 1222 34.25 -36.87 -18.22
C ALA A 1222 34.72 -38.32 -18.11
N ARG A 1223 34.13 -39.09 -17.21
CA ARG A 1223 34.44 -40.51 -17.08
C ARG A 1223 33.87 -41.33 -18.23
N ALA A 1224 32.98 -40.76 -19.04
CA ALA A 1224 32.38 -41.53 -20.13
C ALA A 1224 33.40 -41.93 -21.17
N GLN A 1225 34.31 -41.02 -21.54
CA GLN A 1225 35.25 -41.28 -22.61
C GLN A 1225 36.58 -41.83 -22.15
N GLU A 1226 36.83 -41.90 -20.83
CA GLU A 1226 38.14 -42.32 -20.36
C GLU A 1226 38.41 -43.79 -20.68
N MET A 1227 37.45 -44.67 -20.41
CA MET A 1227 37.65 -46.08 -20.69
C MET A 1227 37.51 -46.40 -22.17
N LEU A 1228 36.71 -45.62 -22.90
CA LEU A 1228 36.59 -45.83 -24.34
C LEU A 1228 37.93 -45.58 -25.03
N GLN A 1229 38.67 -44.57 -24.60
CA GLN A 1229 40.00 -44.36 -25.14
C GLN A 1229 40.91 -45.53 -24.83
N HIS A 1230 40.87 -46.02 -23.58
CA HIS A 1230 41.76 -47.11 -23.19
C HIS A 1230 41.38 -48.42 -23.88
N THR A 1231 40.09 -48.74 -23.94
CA THR A 1231 39.68 -49.97 -24.61
C THR A 1231 39.98 -49.92 -26.11
N LEU A 1232 40.12 -48.73 -26.68
CA LEU A 1232 40.60 -48.60 -28.04
C LEU A 1232 42.11 -48.37 -28.11
N LEU A 1233 42.72 -47.95 -26.99
CA LEU A 1233 44.18 -47.86 -26.95
C LEU A 1233 44.81 -49.24 -27.12
#